data_8GWW
#
_entry.id   8GWW
#
_cell.length_a   56.499
_cell.length_b   91.170
_cell.length_c   213.570
_cell.angle_alpha   90.000
_cell.angle_beta   90.000
_cell.angle_gamma   90.000
#
_symmetry.space_group_name_H-M   'P 21 21 21'
#
loop_
_entity.id
_entity.type
_entity.pdbx_description
1 polymer 'Tyrosine-protein phosphatase non-receptor type 11'
2 non-polymer 2-[4-(aminomethyl)-4-methyl-piperidin-1-yl]-5-[2,3-bis(chloranyl)phenyl]-3-methyl-pyrrolo[2,1-f][1,2,4]triazin-4-one
#
_entity_poly.entity_id   1
_entity_poly.type   'polypeptide(L)'
_entity_poly.pdbx_seq_one_letter_code
;MTSRRWFHPNITGVEAENLLLTRGVDGSFLARPSKSNPGDFTLSVRRNGAVTHIKIQNTGDYYDLYGGEKFATLAELVQY
YMEHHGQLKEKNGDVIELKYPLNCADPTSERWFHGHLSGKEAEKLLTEKGKHGSFLVRESQSHPGDFVLSVRTGDDKGES
NDGKSKVTHVMIRCQELKYDVGGGERFDSLTDLVEHYKKNPMVETLGTVLQLKQPLNTTRINAAEIESRVRELSKLAETT
DKVKQGFWEEFETLQQQECKLLYSRKEGQRQENKNKNRYKNILPFDHTRVVLHDGDPNEPVSDYINANIIMPEFETKCNN
SKPKKSYIATQGCLQNTVNDFWRMVFQENSRVIVMTTKEVERGKSKCVKYWPDEYALKEYGVMRVRNVKESAAHDYTLRE
LKLSKVGQGNTERTVWQYHFRTWPDHGVPSDPGGVLDFLEEVHHKQESIMDAGPVVVHCSAGIGRTGTFIVIDILIDIIR
EKGVDCDIDVPKTIQMVRSQRSGMVQTEAQYRFIYMAVQHYIETL
;
_entity_poly.pdbx_strand_id   A,B
#
loop_
_chem_comp.id
_chem_comp.type
_chem_comp.name
_chem_comp.formula
KID non-polymer 2-[4-(aminomethyl)-4-methyl-piperidin-1-yl]-5-[2,3-bis(chloranyl)phenyl]-3-methyl-pyrrolo[2,1-f][1,2,4]triazin-4-one 'C20 H23 Cl2 N5 O'
#
# COMPACT_ATOMS: atom_id res chain seq x y z
N THR A 2 1.41 31.91 -3.98
CA THR A 2 0.52 32.69 -3.12
C THR A 2 0.35 32.01 -1.77
N SER A 3 0.98 32.58 -0.74
CA SER A 3 1.04 31.97 0.57
C SER A 3 -0.15 32.32 1.46
N ARG A 4 -1.34 32.53 0.87
CA ARG A 4 -2.59 32.79 1.57
C ARG A 4 -2.53 34.03 2.46
N ARG A 5 -1.46 34.82 2.38
CA ARG A 5 -1.38 36.04 3.19
C ARG A 5 -2.39 37.08 2.75
N TRP A 6 -2.96 36.95 1.55
CA TRP A 6 -3.94 37.89 1.02
C TRP A 6 -5.34 37.68 1.60
N PHE A 7 -5.53 36.71 2.50
CA PHE A 7 -6.82 36.44 3.10
C PHE A 7 -6.83 36.98 4.52
N HIS A 8 -7.74 37.90 4.80
CA HIS A 8 -7.86 38.50 6.12
C HIS A 8 -9.05 37.87 6.84
N PRO A 9 -8.84 37.14 7.94
CA PRO A 9 -9.94 36.31 8.48
C PRO A 9 -11.05 37.11 9.12
N ASN A 10 -10.75 38.21 9.81
CA ASN A 10 -11.76 39.00 10.51
C ASN A 10 -11.54 40.48 10.21
N ILE A 11 -11.85 40.87 8.98
CA ILE A 11 -11.81 42.27 8.56
C ILE A 11 -13.16 42.61 7.93
N THR A 12 -13.61 43.83 8.14
CA THR A 12 -14.88 44.28 7.58
C THR A 12 -14.67 44.87 6.20
N GLY A 13 -15.76 45.01 5.45
CA GLY A 13 -15.68 45.61 4.13
C GLY A 13 -15.20 47.03 4.16
N VAL A 14 -15.53 47.77 5.23
CA VAL A 14 -15.02 49.13 5.39
C VAL A 14 -13.50 49.11 5.56
N GLU A 15 -13.01 48.23 6.44
CA GLU A 15 -11.57 48.11 6.65
C GLU A 15 -10.86 47.61 5.41
N ALA A 16 -11.53 46.76 4.62
CA ALA A 16 -10.91 46.23 3.41
C ALA A 16 -10.64 47.34 2.39
N GLU A 17 -11.59 48.26 2.24
CA GLU A 17 -11.38 49.39 1.34
C GLU A 17 -10.29 50.31 1.85
N ASN A 18 -10.26 50.57 3.16
CA ASN A 18 -9.29 51.49 3.73
C ASN A 18 -7.87 50.95 3.59
N LEU A 19 -7.69 49.63 3.75
CA LEU A 19 -6.37 49.04 3.62
C LEU A 19 -5.86 49.16 2.19
N LEU A 20 -6.75 49.04 1.20
CA LEU A 20 -6.33 49.16 -0.18
C LEU A 20 -6.06 50.61 -0.58
N LEU A 21 -6.76 51.56 0.02
CA LEU A 21 -6.58 52.96 -0.36
C LEU A 21 -5.32 53.56 0.26
N THR A 22 -4.96 53.14 1.47
CA THR A 22 -3.84 53.73 2.20
C THR A 22 -2.56 52.91 2.10
N ARG A 23 -2.66 51.59 2.11
CA ARG A 23 -1.49 50.72 2.09
C ARG A 23 -1.41 49.88 0.83
N GLY A 24 -2.10 50.27 -0.24
CA GLY A 24 -2.10 49.52 -1.47
C GLY A 24 -2.18 50.43 -2.67
N VAL A 25 -1.72 49.90 -3.81
CA VAL A 25 -1.74 50.62 -5.07
C VAL A 25 -2.70 49.92 -6.02
N ASP A 26 -2.84 50.46 -7.24
CA ASP A 26 -3.72 49.85 -8.23
C ASP A 26 -3.21 48.46 -8.59
N GLY A 27 -4.13 47.50 -8.65
CA GLY A 27 -3.78 46.11 -8.83
C GLY A 27 -3.64 45.32 -7.56
N SER A 28 -3.72 45.97 -6.40
CA SER A 28 -3.65 45.26 -5.13
C SER A 28 -4.99 44.64 -4.79
N PHE A 29 -4.97 43.42 -4.30
CA PHE A 29 -6.18 42.66 -4.01
C PHE A 29 -6.07 42.02 -2.63
N LEU A 30 -7.22 41.58 -2.11
CA LEU A 30 -7.27 40.80 -0.89
C LEU A 30 -8.60 40.06 -0.86
N ALA A 31 -8.67 39.04 0.00
CA ALA A 31 -9.87 38.24 0.16
C ALA A 31 -10.27 38.23 1.63
N ARG A 32 -11.58 38.12 1.87
CA ARG A 32 -12.12 38.15 3.21
C ARG A 32 -13.43 37.38 3.22
N PRO A 33 -13.85 36.85 4.36
CA PRO A 33 -15.19 36.26 4.46
C PRO A 33 -16.23 37.35 4.64
N SER A 34 -17.24 37.35 3.77
CA SER A 34 -18.29 38.36 3.83
C SER A 34 -19.10 38.19 5.11
N ASN A 37 -23.32 37.38 4.74
CA ASN A 37 -23.83 36.04 4.45
C ASN A 37 -22.83 34.98 4.88
N PRO A 38 -23.09 34.25 5.97
CA PRO A 38 -22.20 33.15 6.37
C PRO A 38 -22.09 32.08 5.29
N GLY A 39 -20.90 31.96 4.70
CA GLY A 39 -20.66 31.04 3.60
C GLY A 39 -20.17 31.72 2.33
N ASP A 40 -20.38 33.03 2.19
CA ASP A 40 -19.90 33.80 1.05
C ASP A 40 -18.60 34.50 1.40
N PHE A 41 -17.84 34.84 0.36
CA PHE A 41 -16.57 35.53 0.49
C PHE A 41 -16.57 36.74 -0.43
N THR A 42 -15.55 37.59 -0.26
CA THR A 42 -15.45 38.83 -1.02
C THR A 42 -14.03 38.99 -1.55
N LEU A 43 -13.92 39.37 -2.81
CA LEU A 43 -12.64 39.64 -3.46
C LEU A 43 -12.56 41.14 -3.72
N SER A 44 -11.80 41.85 -2.88
CA SER A 44 -11.67 43.30 -2.97
C SER A 44 -10.40 43.64 -3.75
N VAL A 45 -10.56 44.35 -4.86
CA VAL A 45 -9.46 44.71 -5.75
C VAL A 45 -9.46 46.21 -5.96
N ARG A 46 -8.27 46.81 -6.01
CA ARG A 46 -8.10 48.23 -6.25
C ARG A 46 -7.85 48.49 -7.72
N ARG A 47 -8.47 49.54 -8.25
CA ARG A 47 -8.32 49.89 -9.66
C ARG A 47 -8.67 51.35 -9.86
N ASN A 48 -7.75 52.11 -10.47
CA ASN A 48 -7.95 53.53 -10.76
C ASN A 48 -8.33 54.31 -9.50
N GLY A 49 -7.69 53.97 -8.39
CA GLY A 49 -8.01 54.59 -7.12
C GLY A 49 -9.31 54.15 -6.49
N ALA A 50 -10.08 53.30 -7.17
CA ALA A 50 -11.34 52.78 -6.64
C ALA A 50 -11.17 51.32 -6.27
N VAL A 51 -12.07 50.84 -5.42
CA VAL A 51 -12.07 49.47 -4.93
C VAL A 51 -13.29 48.75 -5.49
N THR A 52 -13.07 47.59 -6.09
CA THR A 52 -14.14 46.77 -6.65
C THR A 52 -14.30 45.52 -5.80
N HIS A 53 -15.53 45.27 -5.35
CA HIS A 53 -15.84 44.14 -4.48
C HIS A 53 -16.54 43.07 -5.30
N ILE A 54 -15.82 41.99 -5.60
CA ILE A 54 -16.37 40.86 -6.35
C ILE A 54 -16.85 39.81 -5.34
N LYS A 55 -18.04 39.27 -5.59
CA LYS A 55 -18.65 38.31 -4.69
C LYS A 55 -18.28 36.89 -5.09
N ILE A 56 -18.04 36.05 -4.08
CA ILE A 56 -17.72 34.63 -4.29
C ILE A 56 -18.61 33.82 -3.35
N GLN A 57 -19.46 32.97 -3.92
CA GLN A 57 -20.39 32.16 -3.16
C GLN A 57 -19.94 30.70 -3.16
N ASN A 58 -20.20 30.02 -2.04
CA ASN A 58 -19.85 28.61 -1.90
C ASN A 58 -20.91 27.96 -1.01
N THR A 59 -21.90 27.34 -1.64
CA THR A 59 -22.97 26.67 -0.92
C THR A 59 -22.60 25.26 -0.49
N GLY A 60 -21.43 24.76 -0.89
CA GLY A 60 -21.01 23.43 -0.48
C GLY A 60 -20.37 22.62 -1.60
N ASP A 61 -20.53 23.09 -2.84
CA ASP A 61 -20.04 22.37 -4.01
C ASP A 61 -18.75 22.93 -4.59
N TYR A 62 -18.63 24.26 -4.64
CA TYR A 62 -17.46 24.89 -5.26
C TYR A 62 -17.48 26.38 -4.90
N TYR A 63 -16.38 27.06 -5.22
CA TYR A 63 -16.29 28.50 -5.07
C TYR A 63 -16.76 29.14 -6.37
N ASP A 64 -17.92 29.79 -6.32
CA ASP A 64 -18.54 30.42 -7.49
C ASP A 64 -18.25 31.92 -7.44
N LEU A 65 -17.24 32.35 -8.18
CA LEU A 65 -16.94 33.78 -8.30
C LEU A 65 -17.94 34.42 -9.24
N TYR A 66 -18.61 35.47 -8.77
CA TYR A 66 -19.63 36.14 -9.56
C TYR A 66 -19.01 36.76 -10.80
N GLY A 67 -19.51 36.37 -11.98
CA GLY A 67 -18.96 36.85 -13.23
C GLY A 67 -17.70 36.15 -13.68
N GLY A 68 -17.30 35.07 -13.01
CA GLY A 68 -16.13 34.32 -13.39
C GLY A 68 -16.35 32.83 -13.40
N GLU A 69 -15.28 32.04 -13.50
CA GLU A 69 -15.40 30.59 -13.50
C GLU A 69 -15.54 30.07 -12.07
N LYS A 70 -15.61 28.75 -11.94
CA LYS A 70 -15.78 28.09 -10.65
C LYS A 70 -14.52 27.31 -10.30
N PHE A 71 -14.07 27.43 -9.06
CA PHE A 71 -12.78 26.93 -8.64
C PHE A 71 -12.93 26.03 -7.41
N ALA A 72 -11.85 25.31 -7.11
CA ALA A 72 -11.85 24.35 -6.00
C ALA A 72 -11.43 24.99 -4.68
N THR A 73 -10.43 25.87 -4.71
CA THR A 73 -10.00 26.59 -3.51
C THR A 73 -9.77 28.06 -3.88
N LEU A 74 -9.73 28.90 -2.85
CA LEU A 74 -9.44 30.32 -3.07
C LEU A 74 -8.01 30.53 -3.54
N ALA A 75 -7.10 29.64 -3.16
CA ALA A 75 -5.73 29.74 -3.64
C ALA A 75 -5.65 29.44 -5.14
N GLU A 76 -6.33 28.38 -5.58
CA GLU A 76 -6.39 28.08 -7.01
C GLU A 76 -7.11 29.18 -7.78
N LEU A 77 -8.05 29.87 -7.13
CA LEU A 77 -8.73 30.99 -7.76
C LEU A 77 -7.77 32.16 -7.99
N VAL A 78 -7.01 32.53 -6.95
CA VAL A 78 -6.06 33.62 -7.08
C VAL A 78 -4.95 33.26 -8.06
N GLN A 79 -4.48 32.01 -8.00
CA GLN A 79 -3.42 31.58 -8.91
C GLN A 79 -3.88 31.64 -10.36
N TYR A 80 -5.14 31.28 -10.62
CA TYR A 80 -5.64 31.24 -11.99
C TYR A 80 -5.71 32.65 -12.60
N TYR A 81 -6.09 33.64 -11.80
CA TYR A 81 -6.24 34.99 -12.33
C TYR A 81 -4.95 35.80 -12.30
N MET A 82 -4.00 35.46 -11.44
CA MET A 82 -2.68 36.10 -11.48
C MET A 82 -1.82 35.58 -12.63
N GLU A 83 -2.33 34.67 -13.44
CA GLU A 83 -1.62 34.18 -14.61
C GLU A 83 -2.48 34.17 -15.87
N HIS A 84 -3.74 34.57 -15.78
CA HIS A 84 -4.63 34.65 -16.93
C HIS A 84 -5.22 36.06 -17.02
N HIS A 85 -4.37 37.03 -17.34
CA HIS A 85 -4.81 38.43 -17.38
C HIS A 85 -5.86 38.62 -18.48
N GLY A 86 -6.87 39.43 -18.17
CA GLY A 86 -7.93 39.73 -19.11
C GLY A 86 -9.18 38.87 -18.99
N GLN A 87 -9.28 38.05 -17.94
CA GLN A 87 -10.41 37.15 -17.78
C GLN A 87 -11.28 37.49 -16.58
N LEU A 88 -10.92 38.51 -15.83
CA LEU A 88 -11.70 38.97 -14.69
C LEU A 88 -12.29 40.33 -15.02
N LYS A 89 -13.56 40.35 -15.44
CA LYS A 89 -14.18 41.56 -15.95
C LYS A 89 -15.11 42.22 -14.93
N ASP A 94 -14.67 45.90 -18.86
CA ASP A 94 -13.50 46.42 -18.16
C ASP A 94 -12.80 45.32 -17.37
N VAL A 95 -11.48 45.32 -17.43
CA VAL A 95 -10.66 44.21 -16.92
C VAL A 95 -10.18 44.54 -15.51
N ILE A 96 -10.21 43.53 -14.64
CA ILE A 96 -9.75 43.65 -13.26
C ILE A 96 -8.50 42.81 -13.12
N GLU A 97 -7.35 43.47 -12.96
CA GLU A 97 -6.06 42.80 -12.90
C GLU A 97 -5.67 42.51 -11.45
N LEU A 98 -5.23 41.28 -11.19
CA LEU A 98 -4.75 40.86 -9.88
C LEU A 98 -3.22 40.87 -9.92
N LYS A 99 -2.62 41.91 -9.35
CA LYS A 99 -1.17 42.09 -9.40
C LYS A 99 -0.49 41.90 -8.06
N TYR A 100 -0.95 42.55 -7.01
CA TYR A 100 -0.25 42.59 -5.74
C TYR A 100 -1.11 42.06 -4.60
N PRO A 101 -0.69 41.02 -3.89
CA PRO A 101 -1.44 40.57 -2.71
C PRO A 101 -1.16 41.49 -1.52
N LEU A 102 -2.22 42.08 -0.97
CA LEU A 102 -2.09 42.84 0.26
C LEU A 102 -2.12 41.86 1.42
N ASN A 103 -0.98 41.68 2.08
CA ASN A 103 -0.84 40.63 3.08
C ASN A 103 -1.47 41.05 4.41
N CYS A 104 -1.77 40.05 5.23
CA CYS A 104 -2.42 40.24 6.52
C CYS A 104 -1.42 39.97 7.64
N ALA A 105 -1.71 40.55 8.80
CA ALA A 105 -0.88 40.40 9.98
C ALA A 105 -1.58 39.69 11.13
N ASP A 106 -2.85 39.39 11.02
CA ASP A 106 -3.59 38.74 12.09
C ASP A 106 -3.14 37.30 12.25
N PRO A 107 -2.54 36.92 13.38
CA PRO A 107 -2.06 35.54 13.56
C PRO A 107 -3.11 34.56 14.06
N THR A 108 -4.39 34.94 14.07
CA THR A 108 -5.42 34.07 14.64
C THR A 108 -5.59 32.76 13.87
N SER A 109 -5.15 32.70 12.62
CA SER A 109 -5.32 31.50 11.80
C SER A 109 -4.05 30.66 11.71
N GLU A 110 -3.00 31.02 12.45
CA GLU A 110 -1.76 30.25 12.41
C GLU A 110 -1.84 29.07 13.38
N ARG A 111 -1.20 27.96 13.00
CA ARG A 111 -1.26 26.75 13.81
C ARG A 111 -0.54 26.93 15.14
N TRP A 112 0.48 27.78 15.19
CA TRP A 112 1.29 27.94 16.39
C TRP A 112 0.75 29.00 17.34
N PHE A 113 -0.24 29.79 16.92
CA PHE A 113 -0.76 30.88 17.74
C PHE A 113 -1.94 30.36 18.57
N HIS A 114 -1.80 30.43 19.89
CA HIS A 114 -2.84 30.01 20.81
C HIS A 114 -3.47 31.15 21.59
N GLY A 115 -3.04 32.38 21.35
CA GLY A 115 -3.69 33.54 21.95
C GLY A 115 -3.53 33.55 23.46
N HIS A 116 -4.63 33.74 24.17
CA HIS A 116 -4.62 33.77 25.63
C HIS A 116 -4.44 32.35 26.16
N LEU A 117 -3.29 32.11 26.79
CA LEU A 117 -2.97 30.79 27.32
C LEU A 117 -2.06 30.96 28.52
N SER A 118 -2.34 30.19 29.58
CA SER A 118 -1.57 30.29 30.81
C SER A 118 -0.14 29.81 30.60
N GLY A 119 0.78 30.36 31.39
CA GLY A 119 2.17 29.96 31.31
C GLY A 119 2.37 28.52 31.71
N ALA A 122 0.45 26.04 29.20
CA ALA A 122 1.19 25.71 27.99
C ALA A 122 2.40 24.84 28.31
N GLU A 123 2.95 24.98 29.52
CA GLU A 123 3.99 24.05 29.96
C GLU A 123 3.44 22.63 30.07
N LYS A 124 2.19 22.51 30.53
CA LYS A 124 1.56 21.20 30.61
C LYS A 124 1.27 20.65 29.22
N LEU A 125 0.68 21.48 28.34
CA LEU A 125 0.37 21.04 26.99
C LEU A 125 1.63 20.60 26.26
N LEU A 126 2.69 21.39 26.33
CA LEU A 126 3.94 21.04 25.68
C LEU A 126 4.59 19.81 26.30
N THR A 127 4.17 19.42 27.51
CA THR A 127 4.73 18.23 28.16
C THR A 127 3.90 16.98 27.87
N GLU A 128 2.58 17.08 28.00
CA GLU A 128 1.72 15.92 27.80
C GLU A 128 1.53 15.57 26.34
N LYS A 129 1.70 16.54 25.43
CA LYS A 129 1.43 16.32 24.02
C LYS A 129 2.47 16.97 23.11
N GLY A 130 3.72 17.03 23.56
CA GLY A 130 4.76 17.67 22.79
C GLY A 130 5.93 16.77 22.47
N LYS A 131 6.76 17.19 21.52
CA LYS A 131 7.99 16.51 21.16
C LYS A 131 9.06 17.55 20.87
N HIS A 132 10.24 17.08 20.48
CA HIS A 132 11.34 17.99 20.20
C HIS A 132 10.99 18.87 19.01
N GLY A 133 11.04 20.18 19.21
CA GLY A 133 10.69 21.13 18.19
C GLY A 133 9.27 21.66 18.27
N SER A 134 8.41 21.01 19.05
CA SER A 134 7.05 21.50 19.23
C SER A 134 7.06 22.87 19.90
N PHE A 135 6.34 23.81 19.33
CA PHE A 135 6.36 25.19 19.81
C PHE A 135 4.98 25.81 19.67
N LEU A 136 4.81 26.95 20.34
CA LEU A 136 3.59 27.73 20.25
C LEU A 136 3.92 29.17 20.58
N VAL A 137 2.99 30.07 20.25
CA VAL A 137 3.10 31.48 20.58
C VAL A 137 1.83 31.90 21.29
N ARG A 138 1.98 32.39 22.52
CA ARG A 138 0.87 32.79 23.36
C ARG A 138 1.00 34.26 23.73
N GLU A 139 -0.08 34.81 24.28
CA GLU A 139 -0.05 36.17 24.77
C GLU A 139 0.61 36.21 26.15
N SER A 140 1.36 37.29 26.40
CA SER A 140 2.10 37.41 27.65
C SER A 140 1.16 37.82 28.79
N GLN A 141 1.36 37.18 29.94
CA GLN A 141 0.55 37.42 31.13
C GLN A 141 1.17 38.48 32.04
N SER A 142 2.49 38.66 31.97
CA SER A 142 3.18 39.67 32.77
C SER A 142 2.98 41.05 32.17
N HIS A 143 3.67 41.34 31.06
CA HIS A 143 3.53 42.61 30.37
C HIS A 143 2.40 42.48 29.35
N PRO A 144 1.28 43.17 29.52
CA PRO A 144 0.20 43.09 28.52
C PRO A 144 0.65 43.71 27.20
N GLY A 145 0.21 43.09 26.10
CA GLY A 145 0.60 43.48 24.77
C GLY A 145 1.73 42.66 24.19
N ASP A 146 2.64 42.17 25.02
CA ASP A 146 3.72 41.33 24.56
C ASP A 146 3.23 39.90 24.34
N PHE A 147 4.11 39.08 23.77
CA PHE A 147 3.83 37.68 23.51
C PHE A 147 5.00 36.84 23.99
N VAL A 148 4.74 35.53 24.14
CA VAL A 148 5.75 34.58 24.58
C VAL A 148 5.80 33.43 23.58
N LEU A 149 7.00 32.95 23.29
CA LEU A 149 7.23 31.83 22.39
C LEU A 149 7.84 30.69 23.20
N SER A 150 7.09 29.61 23.36
CA SER A 150 7.48 28.48 24.19
C SER A 150 7.85 27.29 23.31
N VAL A 151 9.03 26.72 23.53
CA VAL A 151 9.57 25.65 22.70
C VAL A 151 10.00 24.50 23.59
N ARG A 152 9.61 23.29 23.20
CA ARG A 152 10.11 22.07 23.84
C ARG A 152 11.34 21.58 23.11
N THR A 153 12.36 21.19 23.87
CA THR A 153 13.63 20.73 23.32
C THR A 153 14.08 19.48 24.05
N GLY A 154 14.42 18.44 23.28
CA GLY A 154 14.88 17.20 23.85
C GLY A 154 15.54 16.28 22.84
N SER A 165 12.83 17.20 27.04
CA SER A 165 13.67 17.34 28.21
C SER A 165 13.44 18.66 28.92
N LYS A 166 13.26 19.73 28.14
CA LYS A 166 13.09 21.07 28.69
C LYS A 166 12.13 21.86 27.83
N VAL A 167 11.50 22.86 28.46
CA VAL A 167 10.58 23.77 27.79
C VAL A 167 11.13 25.18 27.98
N THR A 168 11.59 25.79 26.89
CA THR A 168 12.20 27.11 26.94
C THR A 168 11.19 28.18 26.52
N HIS A 169 11.19 29.29 27.24
CA HIS A 169 10.33 30.43 26.95
C HIS A 169 11.17 31.58 26.43
N VAL A 170 10.66 32.26 25.41
CA VAL A 170 11.32 33.41 24.79
C VAL A 170 10.32 34.54 24.69
N MET A 171 10.66 35.69 25.26
CA MET A 171 9.76 36.84 25.20
C MET A 171 9.76 37.46 23.82
N ILE A 172 8.60 37.97 23.41
CA ILE A 172 8.44 38.69 22.17
C ILE A 172 7.86 40.06 22.53
N ARG A 173 8.71 41.07 22.54
CA ARG A 173 8.28 42.42 22.90
C ARG A 173 7.62 43.10 21.71
N CYS A 174 6.49 43.76 21.97
CA CYS A 174 5.79 44.55 20.96
C CYS A 174 6.12 46.02 21.20
N GLN A 175 6.79 46.65 20.23
CA GLN A 175 7.22 48.04 20.35
C GLN A 175 6.85 48.78 19.09
N GLU A 176 5.87 49.68 19.20
CA GLU A 176 5.41 50.53 18.10
C GLU A 176 4.98 49.69 16.90
N LEU A 177 4.04 48.77 17.15
CA LEU A 177 3.49 47.88 16.12
C LEU A 177 4.58 47.05 15.44
N LYS A 178 5.60 46.66 16.20
CA LYS A 178 6.66 45.80 15.69
C LYS A 178 7.04 44.80 16.76
N TYR A 179 7.63 43.69 16.33
CA TYR A 179 7.88 42.56 17.22
C TYR A 179 9.34 42.11 17.12
N ASP A 180 9.92 41.75 18.26
CA ASP A 180 11.31 41.31 18.33
C ASP A 180 11.48 40.43 19.55
N VAL A 181 12.61 39.73 19.60
CA VAL A 181 12.92 38.83 20.70
C VAL A 181 13.96 39.44 21.64
N GLY A 182 14.11 40.76 21.63
CA GLY A 182 15.08 41.45 22.46
C GLY A 182 16.28 41.98 21.71
N GLY A 183 16.39 41.69 20.42
CA GLY A 183 17.52 42.17 19.64
C GLY A 183 17.40 41.69 18.21
N GLY A 184 18.11 42.38 17.33
CA GLY A 184 18.11 42.04 15.93
C GLY A 184 17.08 42.80 15.12
N GLU A 185 16.40 42.09 14.22
CA GLU A 185 15.43 42.72 13.33
C GLU A 185 14.08 42.85 14.00
N ARG A 186 13.38 43.95 13.71
CA ARG A 186 12.02 44.18 14.20
C ARG A 186 11.04 43.84 13.08
N PHE A 187 10.08 42.98 13.39
CA PHE A 187 9.17 42.42 12.40
C PHE A 187 7.82 43.11 12.43
N ASP A 188 7.15 43.10 11.27
CA ASP A 188 5.82 43.69 11.15
C ASP A 188 4.72 42.73 11.58
N SER A 189 5.00 41.43 11.62
CA SER A 189 4.00 40.43 11.98
C SER A 189 4.65 39.34 12.82
N LEU A 190 3.87 38.77 13.74
CA LEU A 190 4.33 37.60 14.48
C LEU A 190 4.67 36.46 13.53
N THR A 191 3.89 36.32 12.45
CA THR A 191 4.17 35.29 11.46
C THR A 191 5.53 35.50 10.81
N ASP A 192 5.87 36.76 10.49
CA ASP A 192 7.18 37.05 9.94
C ASP A 192 8.29 36.72 10.94
N LEU A 193 8.04 36.99 12.22
CA LEU A 193 9.01 36.63 13.25
C LEU A 193 9.17 35.12 13.36
N VAL A 194 8.06 34.38 13.34
CA VAL A 194 8.12 32.93 13.46
C VAL A 194 8.78 32.33 12.22
N GLU A 195 8.43 32.82 11.03
CA GLU A 195 9.00 32.28 9.80
C GLU A 195 10.49 32.59 9.69
N HIS A 196 10.94 33.70 10.28
CA HIS A 196 12.36 34.02 10.24
C HIS A 196 13.16 33.09 11.13
N TYR A 197 12.66 32.80 12.32
CA TYR A 197 13.36 31.94 13.26
C TYR A 197 13.11 30.45 13.02
N LYS A 198 12.18 30.10 12.13
CA LYS A 198 12.04 28.70 11.72
C LYS A 198 13.19 28.29 10.81
N LYS A 199 13.74 29.23 10.04
CA LYS A 199 14.88 28.98 9.17
C LYS A 199 16.20 29.43 9.77
N ASN A 200 16.18 30.43 10.65
CA ASN A 200 17.37 30.93 11.34
C ASN A 200 17.12 30.80 12.84
N PRO A 201 17.30 29.59 13.39
CA PRO A 201 16.92 29.36 14.79
C PRO A 201 17.79 30.12 15.77
N MET A 202 17.20 30.41 16.94
CA MET A 202 17.94 31.05 18.01
C MET A 202 18.83 30.02 18.71
N VAL A 203 20.08 30.39 18.94
CA VAL A 203 21.05 29.54 19.61
C VAL A 203 21.30 30.11 21.00
N GLU A 204 21.01 29.32 22.03
CA GLU A 204 21.22 29.78 23.40
C GLU A 204 22.71 29.84 23.72
N THR A 205 23.04 30.64 24.75
CA THR A 205 24.42 30.91 25.13
C THR A 205 25.16 29.71 25.72
N LEU A 206 24.63 28.49 25.62
CA LEU A 206 25.34 27.33 26.14
C LEU A 206 25.23 26.12 25.20
N THR A 208 22.33 25.17 23.19
CA THR A 208 21.00 24.73 22.79
C THR A 208 20.51 25.53 21.58
N VAL A 209 19.87 24.84 20.64
CA VAL A 209 19.30 25.46 19.45
C VAL A 209 17.79 25.33 19.56
N LEU A 210 17.10 26.47 19.66
CA LEU A 210 15.65 26.50 19.79
C LEU A 210 15.04 26.37 18.39
N GLN A 211 14.89 25.13 17.94
CA GLN A 211 14.39 24.83 16.61
C GLN A 211 12.88 24.80 16.61
N LEU A 212 12.27 25.49 15.63
CA LEU A 212 10.82 25.54 15.49
C LEU A 212 10.42 24.53 14.43
N LYS A 213 10.34 23.26 14.85
CA LYS A 213 10.04 22.17 13.94
C LYS A 213 8.57 22.19 13.51
N GLN A 214 7.68 21.79 14.41
CA GLN A 214 6.25 21.75 14.14
C GLN A 214 5.48 22.44 15.25
N PRO A 215 4.34 23.03 14.93
CA PRO A 215 3.50 23.62 15.98
C PRO A 215 2.97 22.55 16.92
N LEU A 216 2.65 22.98 18.14
CA LEU A 216 2.08 22.05 19.12
C LEU A 216 0.74 21.52 18.62
N ASN A 217 0.56 20.21 18.68
CA ASN A 217 -0.65 19.56 18.18
C ASN A 217 -1.69 19.55 19.29
N THR A 218 -2.60 20.53 19.24
CA THR A 218 -3.71 20.60 20.18
C THR A 218 -5.04 20.20 19.53
N THR A 219 -4.99 19.47 18.42
CA THR A 219 -6.18 18.96 17.76
C THR A 219 -6.28 17.44 17.77
N ARG A 220 -5.22 16.74 18.16
CA ARG A 220 -5.26 15.28 18.28
C ARG A 220 -5.83 14.92 19.65
N ILE A 221 -7.05 14.39 19.66
CA ILE A 221 -7.75 14.08 20.91
C ILE A 221 -8.10 12.59 20.92
N ASN A 222 -8.44 12.11 22.12
CA ASN A 222 -8.89 10.75 22.28
C ASN A 222 -10.36 10.63 21.89
N ALA A 223 -10.71 9.48 21.31
CA ALA A 223 -12.09 9.26 20.88
C ALA A 223 -13.08 9.31 22.03
N ALA A 224 -12.61 9.19 23.27
CA ALA A 224 -13.51 9.26 24.42
C ALA A 224 -13.91 10.70 24.73
N GLU A 225 -13.00 11.65 24.55
CA GLU A 225 -13.24 13.05 24.90
C GLU A 225 -13.66 13.88 23.69
N ILE A 226 -14.23 13.25 22.66
CA ILE A 226 -14.66 13.98 21.48
C ILE A 226 -15.86 14.87 21.80
N GLU A 227 -16.76 14.39 22.66
CA GLU A 227 -17.92 15.20 23.04
C GLU A 227 -17.51 16.43 23.83
N SER A 228 -16.44 16.34 24.61
CA SER A 228 -15.98 17.49 25.37
C SER A 228 -15.31 18.52 24.47
N ARG A 229 -14.67 18.08 23.38
CA ARG A 229 -14.07 19.02 22.45
C ARG A 229 -15.12 19.75 21.63
N VAL A 230 -16.20 19.05 21.25
CA VAL A 230 -17.28 19.70 20.52
C VAL A 230 -17.94 20.76 21.39
N ARG A 231 -18.10 20.47 22.68
CA ARG A 231 -18.67 21.46 23.60
C ARG A 231 -17.79 22.70 23.69
N GLU A 232 -16.47 22.53 23.70
CA GLU A 232 -15.58 23.67 23.74
C GLU A 232 -15.54 24.40 22.40
N LEU A 233 -15.68 23.67 21.30
CA LEU A 233 -15.69 24.29 19.97
C LEU A 233 -17.02 24.95 19.64
N SER A 234 -18.11 24.56 20.29
CA SER A 234 -19.43 25.11 19.98
C SER A 234 -19.68 26.46 20.63
N LYS A 235 -18.82 26.90 21.54
CA LYS A 235 -19.01 28.20 22.20
C LYS A 235 -17.75 29.06 22.11
N GLY A 246 -15.58 28.87 17.63
CA GLY A 246 -14.65 27.77 17.88
C GLY A 246 -14.36 26.95 16.64
N PHE A 247 -15.39 26.31 16.10
CA PHE A 247 -15.24 25.58 14.84
C PHE A 247 -14.73 26.51 13.74
N TRP A 248 -15.23 27.74 13.70
CA TRP A 248 -14.85 28.68 12.66
C TRP A 248 -13.37 29.03 12.73
N GLU A 249 -12.83 29.16 13.94
CA GLU A 249 -11.41 29.49 14.08
C GLU A 249 -10.52 28.33 13.65
N GLU A 250 -10.89 27.10 14.02
CA GLU A 250 -10.09 25.95 13.63
C GLU A 250 -10.17 25.69 12.13
N PHE A 251 -11.30 25.99 11.51
CA PHE A 251 -11.47 25.73 10.08
C PHE A 251 -10.57 26.62 9.25
N GLU A 252 -10.59 27.94 9.51
CA GLU A 252 -9.74 28.86 8.77
C GLU A 252 -8.26 28.66 9.07
N THR A 253 -7.94 27.99 10.18
CA THR A 253 -6.55 27.60 10.41
C THR A 253 -6.13 26.51 9.45
N LEU A 254 -7.04 25.56 9.17
CA LEU A 254 -6.78 24.56 8.14
C LEU A 254 -6.85 25.18 6.75
N GLN A 255 -7.75 26.15 6.56
CA GLN A 255 -7.89 26.78 5.26
C GLN A 255 -6.66 27.56 4.85
N GLN A 256 -5.90 28.08 5.82
CA GLN A 256 -4.69 28.84 5.49
C GLN A 256 -3.61 27.95 4.90
N GLN A 257 -3.59 26.67 5.26
CA GLN A 257 -2.56 25.75 4.79
C GLN A 257 -2.86 25.17 3.41
N GLU A 258 -3.95 25.60 2.76
CA GLU A 258 -4.25 25.08 1.43
C GLU A 258 -3.25 25.53 0.38
N CYS A 259 -2.50 26.60 0.67
CA CYS A 259 -1.50 27.09 -0.29
C CYS A 259 -0.35 26.10 -0.48
N LYS A 260 -0.15 25.18 0.45
CA LYS A 260 0.86 24.14 0.32
C LYS A 260 0.41 22.98 -0.54
N LEU A 261 -0.73 23.11 -1.24
CA LEU A 261 -1.32 22.01 -1.99
C LEU A 261 -1.57 22.38 -3.45
N LEU A 262 -0.85 23.37 -3.98
CA LEU A 262 -1.03 23.81 -5.37
C LEU A 262 -0.22 22.92 -6.31
N TYR A 263 -0.56 21.64 -6.34
CA TYR A 263 0.11 20.71 -7.23
C TYR A 263 -0.35 20.91 -8.67
N SER A 264 0.38 20.30 -9.60
CA SER A 264 0.12 20.50 -11.02
C SER A 264 -1.11 19.74 -11.47
N ARG A 265 -1.89 20.37 -12.36
CA ARG A 265 -3.03 19.74 -13.01
C ARG A 265 -2.95 20.00 -14.51
N LYS A 266 -1.92 19.45 -15.14
CA LYS A 266 -1.63 19.75 -16.54
C LYS A 266 -2.49 18.94 -17.50
N GLU A 267 -2.69 17.65 -17.20
CA GLU A 267 -3.43 16.79 -18.12
C GLU A 267 -4.86 17.29 -18.32
N GLY A 268 -5.48 17.82 -17.26
CA GLY A 268 -6.81 18.37 -17.38
C GLY A 268 -6.87 19.65 -18.18
N GLN A 269 -5.74 20.35 -18.33
CA GLN A 269 -5.68 21.58 -19.11
C GLN A 269 -5.38 21.33 -20.57
N ARG A 270 -5.15 20.08 -20.97
CA ARG A 270 -4.88 19.78 -22.37
C ARG A 270 -6.14 19.97 -23.22
N GLN A 271 -5.94 20.31 -24.49
CA GLN A 271 -7.06 20.61 -25.37
C GLN A 271 -7.98 19.40 -25.54
N GLU A 272 -7.40 18.20 -25.65
CA GLU A 272 -8.20 17.00 -25.84
C GLU A 272 -9.06 16.67 -24.62
N ASN A 273 -8.72 17.19 -23.44
CA ASN A 273 -9.43 16.86 -22.21
C ASN A 273 -10.26 18.00 -21.66
N LYS A 274 -10.36 19.13 -22.36
CA LYS A 274 -11.11 20.26 -21.84
C LYS A 274 -12.59 19.94 -21.71
N ASN A 275 -13.17 19.32 -22.75
CA ASN A 275 -14.60 18.98 -22.73
C ASN A 275 -14.89 17.75 -21.89
N LYS A 276 -13.90 17.17 -21.23
CA LYS A 276 -14.11 15.99 -20.39
C LYS A 276 -14.32 16.32 -18.92
N ASN A 277 -14.13 17.59 -18.54
CA ASN A 277 -14.36 18.04 -17.17
C ASN A 277 -15.68 18.81 -17.10
N ARG A 278 -16.46 18.54 -16.05
CA ARG A 278 -17.71 19.26 -15.88
C ARG A 278 -17.47 20.73 -15.56
N TYR A 279 -16.44 21.02 -14.77
CA TYR A 279 -16.03 22.38 -14.46
C TYR A 279 -14.60 22.55 -14.92
N LYS A 280 -14.37 23.51 -15.82
CA LYS A 280 -13.11 23.56 -16.57
C LYS A 280 -11.92 23.82 -15.68
N ASN A 281 -12.10 24.46 -14.53
CA ASN A 281 -10.99 24.84 -13.66
C ASN A 281 -10.87 23.96 -12.43
N ILE A 282 -11.76 22.99 -12.24
CA ILE A 282 -11.67 22.04 -11.14
C ILE A 282 -11.08 20.76 -11.73
N LEU A 283 -9.78 20.57 -11.55
CA LEU A 283 -9.05 19.51 -12.23
C LEU A 283 -8.39 18.57 -11.22
N PRO A 284 -8.15 17.32 -11.61
CA PRO A 284 -7.48 16.38 -10.72
C PRO A 284 -5.97 16.60 -10.69
N PHE A 285 -5.38 16.31 -9.54
CA PHE A 285 -3.92 16.36 -9.42
C PHE A 285 -3.28 15.37 -10.38
N ASP A 286 -2.16 15.79 -10.98
CA ASP A 286 -1.47 14.94 -11.93
C ASP A 286 -0.96 13.66 -11.27
N HIS A 287 -0.47 13.76 -10.04
CA HIS A 287 0.20 12.64 -9.41
C HIS A 287 -0.75 11.66 -8.72
N THR A 288 -2.04 11.99 -8.61
CA THR A 288 -3.03 11.08 -8.04
C THR A 288 -4.16 10.75 -9.00
N ARG A 289 -4.14 11.27 -10.23
CA ARG A 289 -5.22 11.03 -11.17
C ARG A 289 -5.30 9.57 -11.56
N VAL A 290 -6.50 9.16 -11.97
CA VAL A 290 -6.71 7.79 -12.47
C VAL A 290 -6.36 7.78 -13.96
N VAL A 291 -5.50 6.83 -14.35
CA VAL A 291 -5.06 6.69 -15.72
C VAL A 291 -5.73 5.47 -16.32
N LEU A 292 -6.29 5.63 -17.51
CA LEU A 292 -7.02 4.57 -18.20
C LEU A 292 -6.14 3.95 -19.28
N HIS A 293 -6.25 2.63 -19.44
CA HIS A 293 -5.45 1.87 -20.41
C HIS A 293 -6.40 1.01 -21.24
N ASP A 294 -7.01 1.62 -22.24
CA ASP A 294 -7.95 0.90 -23.10
C ASP A 294 -7.68 1.20 -24.58
N SER A 302 -7.88 7.37 -25.26
CA SER A 302 -7.24 8.35 -24.39
C SER A 302 -7.33 7.90 -22.93
N ASP A 303 -6.53 8.53 -22.06
CA ASP A 303 -6.30 8.02 -20.71
C ASP A 303 -6.82 8.94 -19.62
N TYR A 304 -7.66 9.92 -19.94
CA TYR A 304 -8.03 10.95 -18.99
C TYR A 304 -9.45 10.74 -18.45
N ILE A 305 -9.60 10.98 -17.15
CA ILE A 305 -10.90 11.07 -16.50
C ILE A 305 -10.69 11.87 -15.22
N ASN A 306 -11.60 12.82 -14.96
CA ASN A 306 -11.48 13.66 -13.78
C ASN A 306 -11.72 12.83 -12.53
N ALA A 307 -10.66 12.24 -11.98
CA ALA A 307 -10.77 11.37 -10.82
C ALA A 307 -9.40 11.26 -10.16
N ASN A 308 -9.41 10.96 -8.87
CA ASN A 308 -8.19 10.79 -8.10
C ASN A 308 -8.34 9.62 -7.15
N ILE A 309 -7.23 8.94 -6.88
CA ILE A 309 -7.18 7.89 -5.88
C ILE A 309 -6.97 8.54 -4.51
N ILE A 310 -7.77 8.14 -3.53
CA ILE A 310 -7.66 8.64 -2.17
C ILE A 310 -7.11 7.52 -1.30
N MET A 311 -5.91 7.73 -0.77
CA MET A 311 -5.25 6.76 0.08
C MET A 311 -5.11 7.33 1.49
N PRO A 312 -5.68 6.69 2.52
CA PRO A 312 -5.53 7.14 3.90
C PRO A 312 -4.25 6.61 4.55
N LYS A 324 -7.54 -0.48 5.55
CA LYS A 324 -7.00 -0.92 4.27
C LYS A 324 -7.79 -0.34 3.10
N LYS A 325 -8.86 0.38 3.42
CA LYS A 325 -9.79 0.87 2.41
C LYS A 325 -9.24 2.09 1.69
N SER A 326 -9.41 2.11 0.37
CA SER A 326 -9.06 3.25 -0.46
C SER A 326 -10.30 3.72 -1.21
N TYR A 327 -10.21 4.94 -1.75
CA TYR A 327 -11.35 5.58 -2.38
C TYR A 327 -10.96 6.17 -3.72
N ILE A 328 -11.97 6.39 -4.57
CA ILE A 328 -11.82 7.11 -5.83
C ILE A 328 -12.82 8.26 -5.81
N ALA A 329 -12.33 9.48 -5.74
CA ALA A 329 -13.17 10.67 -5.74
C ALA A 329 -13.19 11.27 -7.14
N THR A 330 -14.39 11.38 -7.72
CA THR A 330 -14.54 11.86 -9.08
C THR A 330 -15.77 12.75 -9.18
N GLN A 331 -15.93 13.33 -10.36
CA GLN A 331 -17.05 14.20 -10.65
C GLN A 331 -18.26 13.39 -11.13
N GLY A 332 -19.38 14.08 -11.30
CA GLY A 332 -20.54 13.46 -11.92
C GLY A 332 -20.35 13.32 -13.42
N CYS A 333 -20.82 12.19 -13.96
CA CYS A 333 -20.59 11.88 -15.36
C CYS A 333 -21.21 12.91 -16.27
N LEU A 334 -20.47 13.28 -17.33
CA LEU A 334 -21.03 14.05 -18.42
C LEU A 334 -21.50 13.09 -19.52
N GLN A 335 -22.30 13.63 -20.43
CA GLN A 335 -22.87 12.80 -21.50
C GLN A 335 -21.78 12.13 -22.33
N ASN A 336 -20.63 12.78 -22.49
CA ASN A 336 -19.54 12.27 -23.31
C ASN A 336 -18.43 11.62 -22.50
N THR A 337 -18.64 11.37 -21.21
CA THR A 337 -17.66 10.70 -20.38
C THR A 337 -18.24 9.50 -19.64
N VAL A 338 -19.45 9.06 -19.99
CA VAL A 338 -20.03 7.88 -19.35
C VAL A 338 -19.26 6.62 -19.72
N ASN A 339 -18.86 6.52 -20.99
CA ASN A 339 -18.07 5.36 -21.41
C ASN A 339 -16.74 5.29 -20.68
N ASP A 340 -16.11 6.44 -20.44
CA ASP A 340 -14.86 6.46 -19.70
C ASP A 340 -15.08 6.15 -18.22
N PHE A 341 -16.25 6.51 -17.68
CA PHE A 341 -16.52 6.22 -16.28
C PHE A 341 -16.55 4.72 -16.01
N TRP A 342 -17.21 3.96 -16.88
CA TRP A 342 -17.26 2.51 -16.70
C TRP A 342 -15.95 1.84 -17.05
N ARG A 343 -15.10 2.48 -17.86
CA ARG A 343 -13.74 2.00 -18.04
C ARG A 343 -12.98 2.02 -16.71
N MET A 344 -13.17 3.10 -15.93
CA MET A 344 -12.48 3.21 -14.66
C MET A 344 -12.97 2.19 -13.64
N VAL A 345 -14.29 1.96 -13.60
CA VAL A 345 -14.85 1.00 -12.65
C VAL A 345 -14.35 -0.41 -12.96
N PHE A 346 -14.30 -0.77 -14.25
CA PHE A 346 -13.80 -2.09 -14.62
C PHE A 346 -12.30 -2.21 -14.35
N GLN A 347 -11.53 -1.15 -14.63
CA GLN A 347 -10.09 -1.22 -14.49
C GLN A 347 -9.66 -1.36 -13.04
N GLU A 348 -10.23 -0.54 -12.15
CA GLU A 348 -9.85 -0.52 -10.75
C GLU A 348 -10.49 -1.63 -9.93
N ASN A 349 -11.30 -2.49 -10.55
CA ASN A 349 -11.96 -3.61 -9.86
C ASN A 349 -12.85 -3.11 -8.72
N SER A 350 -13.49 -1.97 -8.93
CA SER A 350 -14.41 -1.42 -7.94
C SER A 350 -15.72 -2.19 -7.95
N ARG A 351 -16.29 -2.40 -6.76
CA ARG A 351 -17.55 -3.12 -6.62
C ARG A 351 -18.62 -2.32 -5.91
N VAL A 352 -18.31 -1.09 -5.48
CA VAL A 352 -19.26 -0.24 -4.76
C VAL A 352 -19.12 1.18 -5.26
N ILE A 353 -20.25 1.84 -5.50
CA ILE A 353 -20.29 3.24 -5.90
C ILE A 353 -21.16 4.01 -4.92
N VAL A 354 -20.69 5.17 -4.50
CA VAL A 354 -21.40 6.03 -3.55
C VAL A 354 -21.76 7.32 -4.28
N MET A 355 -23.05 7.49 -4.59
CA MET A 355 -23.56 8.66 -5.29
C MET A 355 -24.30 9.54 -4.28
N THR A 356 -23.82 10.77 -4.11
CA THR A 356 -24.38 11.66 -3.10
C THR A 356 -25.01 12.90 -3.74
N THR A 357 -25.81 12.70 -4.79
CA THR A 357 -26.50 13.80 -5.44
C THR A 357 -27.60 13.23 -6.32
N LYS A 358 -28.63 14.04 -6.57
CA LYS A 358 -29.62 13.68 -7.55
C LYS A 358 -29.12 14.04 -8.95
N GLU A 359 -29.75 13.44 -9.96
CA GLU A 359 -29.40 13.76 -11.34
C GLU A 359 -29.61 15.25 -11.61
N VAL A 360 -30.70 15.81 -11.10
CA VAL A 360 -30.99 17.23 -11.21
C VAL A 360 -31.32 17.76 -9.81
N GLU A 361 -30.67 18.86 -9.43
CA GLU A 361 -30.96 19.55 -8.18
C GLU A 361 -31.03 21.05 -8.46
N ARG A 362 -32.05 21.69 -7.89
CA ARG A 362 -32.29 23.13 -8.09
C ARG A 362 -32.47 23.46 -9.56
N GLY A 363 -33.00 22.52 -10.34
CA GLY A 363 -33.14 22.69 -11.77
C GLY A 363 -31.87 22.55 -12.58
N LYS A 364 -30.72 22.46 -11.92
CA LYS A 364 -29.44 22.31 -12.60
C LYS A 364 -29.00 20.86 -12.60
N SER A 365 -28.32 20.46 -13.67
CA SER A 365 -27.88 19.08 -13.84
C SER A 365 -26.61 18.82 -13.05
N LYS A 366 -26.62 17.77 -12.23
CA LYS A 366 -25.46 17.40 -11.42
C LYS A 366 -24.75 16.15 -11.92
N CYS A 367 -25.49 15.23 -12.54
CA CYS A 367 -24.91 13.99 -13.05
C CYS A 367 -25.91 13.34 -14.01
N VAL A 368 -25.42 12.96 -15.19
CA VAL A 368 -26.27 12.27 -16.15
C VAL A 368 -26.47 10.82 -15.72
N LYS A 369 -27.51 10.19 -16.25
CA LYS A 369 -27.86 8.83 -15.90
C LYS A 369 -26.89 7.88 -16.60
N TYR A 370 -25.98 7.28 -15.83
CA TYR A 370 -24.99 6.35 -16.37
C TYR A 370 -25.34 4.90 -16.05
N TRP A 371 -26.50 4.64 -15.45
CA TRP A 371 -26.95 3.30 -15.14
C TRP A 371 -28.27 3.01 -15.85
N PRO A 372 -28.47 1.78 -16.32
CA PRO A 372 -29.72 1.45 -17.00
C PRO A 372 -30.90 1.47 -16.03
N ASP A 373 -32.10 1.58 -16.61
CA ASP A 373 -33.32 1.42 -15.83
C ASP A 373 -33.38 0.00 -15.26
N GLU A 374 -34.23 -0.17 -14.26
CA GLU A 374 -34.34 -1.47 -13.60
C GLU A 374 -34.71 -2.55 -14.60
N TYR A 375 -33.94 -3.63 -14.59
CA TYR A 375 -34.04 -4.82 -15.45
C TYR A 375 -33.55 -4.56 -16.87
N ALA A 376 -33.16 -3.33 -17.21
CA ALA A 376 -32.68 -3.04 -18.54
C ALA A 376 -31.22 -3.49 -18.71
N LEU A 377 -30.73 -3.37 -19.94
CA LEU A 377 -29.36 -3.74 -20.28
C LEU A 377 -28.84 -2.74 -21.30
N LYS A 378 -27.73 -2.07 -20.97
CA LYS A 378 -27.17 -1.05 -21.83
C LYS A 378 -25.68 -1.32 -22.06
N GLU A 379 -25.20 -0.88 -23.23
CA GLU A 379 -23.79 -0.92 -23.57
C GLU A 379 -23.24 0.50 -23.59
N TYR A 380 -22.18 0.74 -22.82
CA TYR A 380 -21.51 2.04 -22.79
C TYR A 380 -20.11 1.82 -23.37
N GLY A 381 -20.02 1.87 -24.69
CA GLY A 381 -18.79 1.56 -25.37
C GLY A 381 -18.48 0.08 -25.36
N VAL A 382 -17.33 -0.30 -24.81
CA VAL A 382 -16.96 -1.71 -24.71
C VAL A 382 -17.47 -2.35 -23.43
N MET A 383 -18.22 -1.61 -22.61
CA MET A 383 -18.68 -2.09 -21.31
C MET A 383 -20.19 -2.29 -21.34
N ARG A 384 -20.63 -3.45 -20.86
CA ARG A 384 -22.05 -3.81 -20.82
C ARG A 384 -22.50 -3.87 -19.36
N VAL A 385 -23.60 -3.17 -19.06
CA VAL A 385 -24.10 -3.04 -17.70
C VAL A 385 -25.57 -3.45 -17.67
N ARG A 386 -25.94 -4.25 -16.67
CA ARG A 386 -27.31 -4.65 -16.44
C ARG A 386 -27.76 -4.24 -15.05
N ASN A 387 -28.96 -3.70 -14.95
CA ASN A 387 -29.56 -3.33 -13.66
C ASN A 387 -30.36 -4.52 -13.16
N VAL A 388 -29.79 -5.26 -12.20
CA VAL A 388 -30.43 -6.47 -11.72
C VAL A 388 -31.67 -6.14 -10.89
N LYS A 389 -31.48 -5.41 -9.79
CA LYS A 389 -32.58 -5.08 -8.91
C LYS A 389 -32.30 -3.74 -8.24
N GLU A 390 -33.37 -3.12 -7.74
CA GLU A 390 -33.28 -1.86 -7.02
C GLU A 390 -34.00 -1.99 -5.69
N SER A 391 -33.26 -1.77 -4.60
CA SER A 391 -33.83 -1.72 -3.26
C SER A 391 -33.80 -0.29 -2.76
N ALA A 392 -34.94 0.22 -2.31
CA ALA A 392 -35.09 1.60 -1.93
C ALA A 392 -35.34 1.72 -0.43
N ALA A 393 -34.41 2.37 0.27
CA ALA A 393 -34.64 2.76 1.65
C ALA A 393 -35.13 4.21 1.67
N HIS A 394 -35.11 4.86 2.84
CA HIS A 394 -35.58 6.23 2.90
C HIS A 394 -34.51 7.21 2.39
N ASP A 395 -33.30 7.12 2.94
CA ASP A 395 -32.26 8.08 2.62
C ASP A 395 -31.53 7.78 1.31
N TYR A 396 -31.64 6.55 0.80
CA TYR A 396 -30.87 6.16 -0.37
C TYR A 396 -31.64 5.10 -1.14
N THR A 397 -31.02 4.65 -2.24
CA THR A 397 -31.54 3.56 -3.07
C THR A 397 -30.38 2.71 -3.53
N LEU A 398 -30.46 1.41 -3.26
CA LEU A 398 -29.43 0.47 -3.67
C LEU A 398 -29.77 -0.09 -5.05
N ARG A 399 -28.80 -0.09 -5.95
CA ARG A 399 -28.95 -0.63 -7.29
C ARG A 399 -27.88 -1.69 -7.52
N GLU A 400 -28.31 -2.94 -7.68
CA GLU A 400 -27.40 -4.04 -7.96
C GLU A 400 -27.12 -4.08 -9.46
N LEU A 401 -25.92 -3.68 -9.86
CA LEU A 401 -25.53 -3.63 -11.26
C LEU A 401 -24.50 -4.72 -11.55
N LYS A 402 -24.54 -5.23 -12.77
CA LYS A 402 -23.59 -6.24 -13.23
C LYS A 402 -22.84 -5.68 -14.43
N LEU A 403 -21.53 -5.45 -14.26
CA LEU A 403 -20.69 -4.84 -15.26
C LEU A 403 -19.78 -5.88 -15.90
N SER A 404 -19.64 -5.80 -17.22
CA SER A 404 -18.78 -6.72 -17.95
C SER A 404 -18.37 -6.08 -19.26
N LYS A 405 -17.22 -6.50 -19.78
CA LYS A 405 -16.77 -6.04 -21.09
C LYS A 405 -17.40 -6.89 -22.19
N VAL A 406 -17.72 -6.26 -23.31
CA VAL A 406 -18.35 -6.98 -24.41
C VAL A 406 -17.34 -7.93 -25.04
N GLY A 407 -17.83 -9.12 -25.40
CA GLY A 407 -17.00 -10.15 -26.01
C GLY A 407 -16.36 -11.11 -25.03
N GLN A 408 -16.09 -10.67 -23.80
CA GLN A 408 -15.49 -11.50 -22.77
C GLN A 408 -16.53 -11.75 -21.68
N GLY A 409 -16.88 -13.01 -21.47
CA GLY A 409 -17.96 -13.36 -20.56
C GLY A 409 -17.56 -13.45 -19.09
N ASN A 410 -16.39 -14.02 -18.82
CA ASN A 410 -15.94 -14.25 -17.45
C ASN A 410 -15.33 -13.01 -16.80
N THR A 411 -15.64 -11.81 -17.30
CA THR A 411 -15.19 -10.57 -16.69
C THR A 411 -16.30 -9.91 -15.86
N GLU A 412 -17.43 -10.58 -15.69
CA GLU A 412 -18.58 -9.99 -15.02
C GLU A 412 -18.37 -9.93 -13.51
N ARG A 413 -18.89 -8.87 -12.91
CA ARG A 413 -18.84 -8.70 -11.46
C ARG A 413 -19.97 -7.77 -11.05
N THR A 414 -20.45 -7.95 -9.81
CA THR A 414 -21.52 -7.12 -9.29
C THR A 414 -20.96 -5.82 -8.75
N VAL A 415 -21.56 -4.70 -9.18
CA VAL A 415 -21.19 -3.37 -8.70
C VAL A 415 -22.39 -2.81 -7.94
N TRP A 416 -22.19 -2.52 -6.66
CA TRP A 416 -23.28 -2.06 -5.79
C TRP A 416 -23.30 -0.54 -5.76
N GLN A 417 -24.34 0.05 -6.35
CA GLN A 417 -24.48 1.49 -6.40
C GLN A 417 -25.32 1.96 -5.22
N TYR A 418 -24.77 2.90 -4.44
CA TYR A 418 -25.47 3.50 -3.31
C TYR A 418 -25.72 4.97 -3.62
N HIS A 419 -26.99 5.31 -3.84
CA HIS A 419 -27.40 6.65 -4.29
C HIS A 419 -28.09 7.36 -3.14
N PHE A 420 -27.33 8.16 -2.38
CA PHE A 420 -27.91 8.96 -1.31
C PHE A 420 -28.76 10.07 -1.90
N ARG A 421 -30.04 10.13 -1.52
CA ARG A 421 -31.00 11.03 -2.14
C ARG A 421 -31.51 12.14 -1.22
N THR A 422 -31.40 11.98 0.10
CA THR A 422 -31.98 12.93 1.04
C THR A 422 -31.00 14.02 1.48
N TRP A 423 -30.01 14.34 0.67
CA TRP A 423 -29.07 15.40 1.03
C TRP A 423 -29.68 16.76 0.71
N PRO A 424 -29.60 17.73 1.62
CA PRO A 424 -30.25 19.02 1.37
C PRO A 424 -29.50 19.84 0.34
N ASP A 425 -30.27 20.61 -0.44
CA ASP A 425 -29.67 21.49 -1.44
C ASP A 425 -28.93 22.65 -0.78
N HIS A 426 -29.35 23.07 0.40
CA HIS A 426 -28.74 24.19 1.11
C HIS A 426 -28.15 23.67 2.42
N GLY A 427 -26.82 23.62 2.49
CA GLY A 427 -26.13 23.27 3.72
C GLY A 427 -25.88 21.78 3.91
N VAL A 428 -25.95 21.33 5.16
CA VAL A 428 -25.67 19.94 5.51
C VAL A 428 -26.87 19.39 6.27
N PRO A 429 -26.97 18.06 6.38
CA PRO A 429 -28.07 17.48 7.17
C PRO A 429 -28.00 17.91 8.63
N SER A 430 -29.18 17.99 9.25
CA SER A 430 -29.24 18.38 10.66
C SER A 430 -28.74 17.26 11.56
N ASP A 431 -29.23 16.05 11.35
CA ASP A 431 -28.82 14.89 12.13
C ASP A 431 -27.91 14.00 11.31
N PRO A 432 -26.78 13.55 11.87
CA PRO A 432 -25.88 12.66 11.13
C PRO A 432 -26.28 11.19 11.14
N GLY A 433 -27.42 10.85 11.76
CA GLY A 433 -27.79 9.45 11.88
C GLY A 433 -28.01 8.78 10.54
N GLY A 434 -28.70 9.45 9.63
CA GLY A 434 -28.95 8.86 8.32
C GLY A 434 -27.69 8.59 7.53
N VAL A 435 -26.78 9.57 7.53
CA VAL A 435 -25.51 9.40 6.82
C VAL A 435 -24.67 8.31 7.47
N LEU A 436 -24.66 8.27 8.81
CA LEU A 436 -23.89 7.24 9.51
C LEU A 436 -24.42 5.85 9.20
N ASP A 437 -25.75 5.68 9.20
CA ASP A 437 -26.33 4.40 8.82
C ASP A 437 -26.04 4.08 7.35
N PHE A 438 -25.98 5.12 6.51
CA PHE A 438 -25.66 4.91 5.10
C PHE A 438 -24.22 4.43 4.92
N LEU A 439 -23.28 5.08 5.61
CA LEU A 439 -21.87 4.68 5.49
C LEU A 439 -21.60 3.34 6.17
N GLU A 440 -22.35 3.02 7.22
CA GLU A 440 -22.17 1.72 7.87
C GLU A 440 -22.55 0.58 6.95
N GLU A 441 -23.60 0.77 6.15
CA GLU A 441 -24.02 -0.26 5.21
C GLU A 441 -23.01 -0.41 4.07
N VAL A 442 -22.52 0.73 3.55
CA VAL A 442 -21.54 0.68 2.47
C VAL A 442 -20.27 -0.03 2.92
N HIS A 443 -19.86 0.20 4.17
CA HIS A 443 -18.64 -0.43 4.68
C HIS A 443 -18.79 -1.95 4.73
N HIS A 444 -19.91 -2.44 5.25
CA HIS A 444 -20.08 -3.88 5.38
C HIS A 444 -20.31 -4.55 4.03
N LYS A 445 -20.86 -3.83 3.07
CA LYS A 445 -20.96 -4.36 1.72
C LYS A 445 -19.58 -4.49 1.09
N GLN A 446 -18.69 -3.54 1.39
CA GLN A 446 -17.32 -3.61 0.88
C GLN A 446 -16.53 -4.74 1.53
N GLU A 447 -16.67 -4.90 2.85
CA GLU A 447 -15.88 -5.90 3.57
C GLU A 447 -16.30 -7.33 3.23
N SER A 448 -17.51 -7.52 2.70
CA SER A 448 -17.97 -8.85 2.32
C SER A 448 -17.43 -9.31 0.97
N ILE A 449 -16.85 -8.41 0.19
CA ILE A 449 -16.34 -8.73 -1.14
C ILE A 449 -14.82 -8.88 -1.05
N MET A 450 -14.32 -10.06 -1.40
CA MET A 450 -12.89 -10.30 -1.39
C MET A 450 -12.21 -9.62 -2.57
N ASP A 451 -10.97 -9.18 -2.35
CA ASP A 451 -10.13 -8.52 -3.36
C ASP A 451 -10.89 -7.44 -4.11
N ALA A 452 -11.75 -6.71 -3.40
CA ALA A 452 -12.52 -5.63 -4.00
C ALA A 452 -11.67 -4.37 -4.09
N GLY A 453 -11.79 -3.67 -5.21
CA GLY A 453 -11.02 -2.47 -5.46
C GLY A 453 -11.50 -1.29 -4.63
N PRO A 454 -11.05 -0.09 -4.99
CA PRO A 454 -11.43 1.10 -4.24
C PRO A 454 -12.92 1.40 -4.36
N VAL A 455 -13.40 2.25 -3.45
CA VAL A 455 -14.80 2.66 -3.44
C VAL A 455 -14.92 3.96 -4.22
N VAL A 456 -15.77 3.94 -5.24
CA VAL A 456 -15.99 5.13 -6.08
C VAL A 456 -17.01 6.03 -5.41
N VAL A 457 -16.61 7.26 -5.12
CA VAL A 457 -17.47 8.26 -4.49
C VAL A 457 -17.51 9.48 -5.39
N HIS A 458 -18.72 10.00 -5.64
CA HIS A 458 -18.88 11.14 -6.52
C HIS A 458 -20.13 11.93 -6.14
N CYS A 459 -20.13 13.20 -6.51
CA CYS A 459 -21.32 14.05 -6.38
C CYS A 459 -21.49 14.87 -7.64
N SER A 460 -21.28 16.18 -7.56
CA SER A 460 -21.33 17.04 -8.74
C SER A 460 -19.92 17.28 -9.27
N ALA A 461 -19.17 18.15 -8.60
CA ALA A 461 -17.77 18.37 -8.93
C ALA A 461 -16.85 17.36 -8.26
N GLY A 462 -17.31 16.68 -7.21
CA GLY A 462 -16.55 15.62 -6.60
C GLY A 462 -15.54 16.04 -5.57
N ILE A 463 -15.78 17.15 -4.87
CA ILE A 463 -14.81 17.63 -3.87
C ILE A 463 -15.53 18.05 -2.59
N GLY A 464 -16.73 18.59 -2.74
CA GLY A 464 -17.48 19.08 -1.59
C GLY A 464 -18.13 17.98 -0.78
N ARG A 465 -19.29 17.49 -1.24
CA ARG A 465 -19.95 16.39 -0.56
C ARG A 465 -19.11 15.11 -0.62
N THR A 466 -18.32 14.95 -1.68
CA THR A 466 -17.49 13.75 -1.81
C THR A 466 -16.42 13.69 -0.73
N GLY A 467 -15.73 14.82 -0.49
CA GLY A 467 -14.72 14.85 0.54
C GLY A 467 -15.29 14.66 1.94
N THR A 468 -16.50 15.13 2.17
CA THR A 468 -17.12 15.00 3.49
C THR A 468 -17.40 13.54 3.81
N PHE A 469 -18.00 12.81 2.86
CA PHE A 469 -18.29 11.39 3.10
C PHE A 469 -17.01 10.59 3.30
N ILE A 470 -16.00 10.82 2.46
CA ILE A 470 -14.78 10.02 2.53
C ILE A 470 -14.04 10.25 3.84
N VAL A 471 -13.98 11.51 4.29
CA VAL A 471 -13.29 11.81 5.54
C VAL A 471 -14.01 11.17 6.72
N ILE A 472 -15.34 11.28 6.76
CA ILE A 472 -16.11 10.64 7.82
C ILE A 472 -15.89 9.13 7.81
N ASP A 473 -15.87 8.54 6.62
CA ASP A 473 -15.65 7.10 6.51
C ASP A 473 -14.28 6.71 7.05
N ILE A 474 -13.28 7.56 6.85
CA ILE A 474 -11.93 7.26 7.31
C ILE A 474 -11.87 7.31 8.83
N LEU A 475 -12.46 8.34 9.44
CA LEU A 475 -12.39 8.49 10.88
C LEU A 475 -13.12 7.36 11.61
N ILE A 476 -14.21 6.88 11.03
CA ILE A 476 -14.98 5.81 11.68
C ILE A 476 -14.22 4.49 11.61
N ASP A 477 -13.53 4.24 10.48
CA ASP A 477 -12.77 3.01 10.33
C ASP A 477 -11.72 2.86 11.43
N ILE A 478 -11.18 3.98 11.92
CA ILE A 478 -10.28 3.93 13.07
C ILE A 478 -11.02 3.50 14.33
N ILE A 479 -12.22 4.06 14.53
CA ILE A 479 -12.97 3.78 15.75
C ILE A 479 -13.52 2.36 15.73
N ARG A 480 -13.95 1.88 14.56
CA ARG A 480 -14.57 0.56 14.49
C ARG A 480 -13.56 -0.55 14.78
N GLU A 481 -12.30 -0.35 14.42
CA GLU A 481 -11.25 -1.34 14.62
C GLU A 481 -10.48 -1.14 15.91
N LYS A 482 -9.99 0.08 16.16
CA LYS A 482 -9.19 0.37 17.33
C LYS A 482 -10.01 0.88 18.51
N GLY A 483 -11.32 0.63 18.51
CA GLY A 483 -12.18 0.98 19.62
C GLY A 483 -12.18 2.47 19.93
N VAL A 484 -12.42 2.78 21.21
CA VAL A 484 -12.47 4.17 21.66
C VAL A 484 -11.13 4.66 22.20
N ASP A 485 -10.17 3.76 22.40
CA ASP A 485 -8.86 4.13 22.95
C ASP A 485 -7.93 4.75 21.91
N CYS A 486 -8.44 5.09 20.73
CA CYS A 486 -7.61 5.61 19.65
C CYS A 486 -7.68 7.14 19.60
N ASP A 487 -6.68 7.72 18.95
CA ASP A 487 -6.62 9.16 18.74
C ASP A 487 -7.15 9.50 17.34
N ILE A 488 -7.93 10.57 17.26
CA ILE A 488 -8.43 11.08 15.99
C ILE A 488 -8.00 12.54 15.85
N ASP A 489 -7.69 12.94 14.62
CA ASP A 489 -7.21 14.29 14.33
C ASP A 489 -7.95 14.75 13.08
N VAL A 490 -9.06 15.46 13.29
CA VAL A 490 -9.94 15.84 12.18
C VAL A 490 -9.23 16.72 11.16
N PRO A 491 -8.62 17.85 11.54
CA PRO A 491 -8.01 18.70 10.50
C PRO A 491 -6.80 18.08 9.83
N LYS A 492 -6.06 17.22 10.53
CA LYS A 492 -4.93 16.54 9.90
C LYS A 492 -5.40 15.57 8.82
N THR A 493 -6.53 14.89 9.07
CA THR A 493 -7.05 13.94 8.08
C THR A 493 -7.57 14.66 6.85
N ILE A 494 -8.17 15.84 7.03
CA ILE A 494 -8.68 16.59 5.88
C ILE A 494 -7.53 17.10 5.03
N GLN A 495 -6.48 17.63 5.67
CA GLN A 495 -5.31 18.07 4.93
C GLN A 495 -4.64 16.91 4.21
N MET A 496 -4.66 15.71 4.81
CA MET A 496 -4.09 14.54 4.16
C MET A 496 -4.86 14.15 2.90
N VAL A 497 -6.17 14.37 2.88
CA VAL A 497 -6.96 14.06 1.69
C VAL A 497 -6.91 15.22 0.68
N ARG A 498 -6.84 16.45 1.16
CA ARG A 498 -6.78 17.60 0.26
C ARG A 498 -5.50 17.61 -0.57
N SER A 499 -4.47 16.88 -0.14
CA SER A 499 -3.26 16.75 -0.94
C SER A 499 -3.42 15.75 -2.07
N GLN A 500 -4.52 14.99 -2.09
CA GLN A 500 -4.76 14.01 -3.13
C GLN A 500 -5.87 14.40 -4.10
N ARG A 501 -6.72 15.35 -3.73
CA ARG A 501 -7.67 15.95 -4.65
C ARG A 501 -7.97 17.36 -4.19
N SER A 502 -8.11 18.27 -5.15
CA SER A 502 -8.16 19.70 -4.86
C SER A 502 -9.51 20.07 -4.24
N GLY A 503 -9.48 20.51 -2.98
CA GLY A 503 -10.65 21.07 -2.37
C GLY A 503 -11.59 20.11 -1.67
N MET A 504 -11.07 18.99 -1.16
CA MET A 504 -11.91 18.09 -0.37
C MET A 504 -12.38 18.79 0.90
N VAL A 505 -13.67 18.67 1.19
CA VAL A 505 -14.36 19.45 2.22
C VAL A 505 -14.34 20.92 1.82
N GLN A 506 -15.51 21.48 1.51
CA GLN A 506 -15.63 22.82 0.96
C GLN A 506 -16.02 23.88 1.98
N THR A 507 -16.97 23.60 2.86
CA THR A 507 -17.53 24.60 3.75
C THR A 507 -17.28 24.24 5.21
N GLU A 508 -17.43 25.25 6.08
CA GLU A 508 -17.34 25.01 7.51
C GLU A 508 -18.54 24.21 8.02
N ALA A 509 -19.71 24.39 7.40
CA ALA A 509 -20.87 23.60 7.76
C ALA A 509 -20.59 22.11 7.60
N GLN A 510 -19.88 21.74 6.53
CA GLN A 510 -19.44 20.35 6.38
C GLN A 510 -18.39 20.00 7.43
N TYR A 511 -17.49 20.93 7.73
CA TYR A 511 -16.45 20.68 8.74
C TYR A 511 -17.08 20.39 10.10
N ARG A 512 -18.03 21.22 10.52
CA ARG A 512 -18.72 20.97 11.78
C ARG A 512 -19.56 19.70 11.70
N PHE A 513 -20.15 19.42 10.54
CA PHE A 513 -20.94 18.21 10.38
C PHE A 513 -20.09 16.96 10.52
N ILE A 514 -18.83 17.02 10.11
CA ILE A 514 -17.94 15.88 10.27
C ILE A 514 -17.69 15.60 11.75
N TYR A 515 -17.49 16.66 12.54
CA TYR A 515 -17.34 16.49 13.98
C TYR A 515 -18.60 15.91 14.61
N MET A 516 -19.77 16.39 14.18
CA MET A 516 -21.02 15.88 14.74
C MET A 516 -21.22 14.41 14.41
N ALA A 517 -20.82 14.00 13.19
CA ALA A 517 -20.97 12.60 12.81
C ALA A 517 -20.05 11.70 13.64
N VAL A 518 -18.83 12.17 13.91
CA VAL A 518 -17.90 11.37 14.72
C VAL A 518 -18.42 11.27 16.15
N GLN A 519 -18.88 12.38 16.71
CA GLN A 519 -19.43 12.37 18.07
C GLN A 519 -20.65 11.48 18.16
N HIS A 520 -21.50 11.50 17.12
CA HIS A 520 -22.71 10.69 17.14
C HIS A 520 -22.38 9.20 17.07
N TYR A 521 -21.33 8.83 16.32
CA TYR A 521 -20.95 7.43 16.22
C TYR A 521 -20.39 6.91 17.54
N ILE A 522 -19.81 7.79 18.35
CA ILE A 522 -19.27 7.36 19.64
C ILE A 522 -20.40 7.11 20.63
N GLU A 523 -21.34 8.05 20.74
CA GLU A 523 -22.40 7.96 21.73
C GLU A 523 -23.33 6.78 21.50
N THR A 524 -23.44 6.30 20.26
CA THR A 524 -24.29 5.16 19.92
C THR A 524 -23.50 3.87 19.82
N LEU A 525 -22.59 3.63 20.76
CA LEU A 525 -21.73 2.46 20.70
C LEU A 525 -21.73 1.71 22.03
N THR B 2 22.14 -8.69 -8.42
CA THR B 2 21.26 -7.92 -7.56
C THR B 2 21.08 -8.60 -6.21
N SER B 3 21.71 -8.03 -5.18
CA SER B 3 21.76 -8.65 -3.85
C SER B 3 20.56 -8.29 -2.98
N ARG B 4 19.39 -8.09 -3.58
CA ARG B 4 18.14 -7.83 -2.87
C ARG B 4 18.18 -6.59 -1.98
N ARG B 5 19.26 -5.80 -2.05
CA ARG B 5 19.34 -4.58 -1.25
C ARG B 5 18.32 -3.54 -1.67
N TRP B 6 17.77 -3.67 -2.88
CA TRP B 6 16.78 -2.72 -3.40
C TRP B 6 15.38 -2.94 -2.83
N PHE B 7 15.20 -3.91 -1.94
CA PHE B 7 13.90 -4.18 -1.34
C PHE B 7 13.88 -3.65 0.09
N HIS B 8 12.97 -2.72 0.35
CA HIS B 8 12.85 -2.13 1.69
C HIS B 8 11.66 -2.76 2.39
N PRO B 9 11.87 -3.49 3.50
CA PRO B 9 10.78 -4.32 4.03
C PRO B 9 9.64 -3.52 4.67
N ASN B 10 9.95 -2.42 5.36
CA ASN B 10 8.93 -1.63 6.06
C ASN B 10 9.16 -0.14 5.76
N ILE B 11 8.86 0.25 4.53
CA ILE B 11 8.88 1.64 4.12
C ILE B 11 7.55 1.98 3.48
N THR B 12 7.09 3.20 3.70
CA THR B 12 5.83 3.66 3.13
C THR B 12 6.05 4.26 1.75
N GLY B 13 4.95 4.39 1.01
CA GLY B 13 5.03 4.99 -0.32
C GLY B 13 5.53 6.42 -0.27
N VAL B 14 5.19 7.15 0.80
CA VAL B 14 5.71 8.51 0.96
C VAL B 14 7.22 8.48 1.13
N GLU B 15 7.70 7.61 2.01
CA GLU B 15 9.14 7.49 2.23
C GLU B 15 9.86 6.99 0.98
N ALA B 16 9.19 6.14 0.19
CA ALA B 16 9.82 5.61 -1.02
C ALA B 16 10.08 6.72 -2.03
N GLU B 17 9.13 7.64 -2.18
CA GLU B 17 9.35 8.77 -3.08
C GLU B 17 10.44 9.70 -2.57
N ASN B 18 10.46 9.95 -1.25
CA ASN B 18 11.44 10.87 -0.69
C ASN B 18 12.85 10.33 -0.82
N LEU B 19 13.02 9.01 -0.66
CA LEU B 19 14.36 8.42 -0.79
C LEU B 19 14.88 8.54 -2.22
N LEU B 20 13.99 8.42 -3.20
CA LEU B 20 14.39 8.54 -4.60
C LEU B 20 14.68 9.99 -4.99
N LEU B 21 13.97 10.95 -4.39
CA LEU B 21 14.16 12.35 -4.76
C LEU B 21 15.42 12.94 -4.14
N THR B 22 15.77 12.52 -2.92
CA THR B 22 16.89 13.12 -2.20
C THR B 22 18.16 12.30 -2.29
N ARG B 23 18.07 10.96 -2.28
CA ARG B 23 19.23 10.09 -2.30
C ARG B 23 19.32 9.25 -3.57
N GLY B 24 18.63 9.66 -4.63
CA GLY B 24 18.64 8.91 -5.86
C GLY B 24 18.56 9.82 -7.08
N VAL B 25 19.02 9.29 -8.20
CA VAL B 25 19.01 10.02 -9.47
C VAL B 25 18.04 9.32 -10.43
N ASP B 26 17.92 9.86 -11.63
CA ASP B 26 17.04 9.25 -12.63
C ASP B 26 17.54 7.86 -13.00
N GLY B 27 16.62 6.91 -13.06
CA GLY B 27 16.97 5.52 -13.25
C GLY B 27 17.11 4.72 -11.97
N SER B 28 17.03 5.37 -10.81
CA SER B 28 17.09 4.66 -9.54
C SER B 28 15.74 4.04 -9.20
N PHE B 29 15.77 2.81 -8.72
CA PHE B 29 14.56 2.06 -8.43
C PHE B 29 14.66 1.42 -7.05
N LEU B 30 13.52 0.97 -6.55
CA LEU B 30 13.46 0.20 -5.32
C LEU B 30 12.13 -0.55 -5.29
N ALA B 31 12.06 -1.57 -4.44
CA ALA B 31 10.86 -2.37 -4.28
C ALA B 31 10.44 -2.38 -2.82
N ARG B 32 9.15 -2.49 -2.59
CA ARG B 32 8.60 -2.48 -1.24
C ARG B 32 7.29 -3.24 -1.25
N PRO B 33 6.87 -3.78 -0.10
CA PRO B 33 5.52 -4.36 0.00
C PRO B 33 4.48 -3.26 0.18
N SER B 34 3.48 -3.27 -0.70
CA SER B 34 2.42 -2.26 -0.64
C SER B 34 1.61 -2.44 0.64
N LYS B 35 1.54 -1.37 1.45
CA LYS B 35 0.86 -1.43 2.74
C LYS B 35 -0.67 -1.39 2.60
N SER B 36 -1.18 -1.06 1.41
CA SER B 36 -2.63 -1.01 1.23
C SER B 36 -3.23 -2.41 1.07
N ASN B 37 -2.60 -3.24 0.25
CA ASN B 37 -3.12 -4.58 -0.04
C ASN B 37 -2.11 -5.64 0.39
N PRO B 38 -2.38 -6.37 1.48
CA PRO B 38 -1.49 -7.46 1.88
C PRO B 38 -1.37 -8.54 0.80
N GLY B 39 -0.19 -8.67 0.21
CA GLY B 39 0.05 -9.56 -0.90
C GLY B 39 0.55 -8.89 -2.15
N ASP B 40 0.34 -7.58 -2.28
CA ASP B 40 0.82 -6.82 -3.42
C ASP B 40 2.12 -6.10 -3.08
N PHE B 41 2.88 -5.77 -4.12
CA PHE B 41 4.16 -5.08 -3.98
C PHE B 41 4.16 -3.86 -4.89
N THR B 42 5.17 -3.02 -4.72
CA THR B 42 5.28 -1.77 -5.48
C THR B 42 6.70 -1.62 -6.00
N LEU B 43 6.83 -1.23 -7.27
CA LEU B 43 8.11 -0.96 -7.91
C LEU B 43 8.18 0.54 -8.17
N SER B 44 8.94 1.25 -7.33
CA SER B 44 9.07 2.69 -7.41
C SER B 44 10.34 3.04 -8.18
N VAL B 45 10.18 3.76 -9.29
CA VAL B 45 11.29 4.11 -10.18
C VAL B 45 11.29 5.62 -10.39
N ARG B 46 12.48 6.20 -10.43
CA ARG B 46 12.65 7.64 -10.66
C ARG B 46 12.90 7.90 -12.14
N ARG B 47 12.29 8.95 -12.67
CA ARG B 47 12.44 9.29 -14.08
C ARG B 47 12.09 10.76 -14.27
N ASN B 48 13.01 11.52 -14.88
CA ASN B 48 12.82 12.94 -15.17
C ASN B 48 12.43 13.72 -13.90
N GLY B 49 13.06 13.38 -12.79
CA GLY B 49 12.75 14.00 -11.52
C GLY B 49 11.44 13.55 -10.89
N ALA B 50 10.66 12.72 -11.58
CA ALA B 50 9.41 12.19 -11.06
C ALA B 50 9.58 10.72 -10.69
N VAL B 51 8.68 10.25 -9.84
CA VAL B 51 8.68 8.87 -9.35
C VAL B 51 7.46 8.16 -9.92
N THR B 52 7.68 7.00 -10.52
CA THR B 52 6.61 6.18 -11.09
C THR B 52 6.45 4.93 -10.24
N HIS B 53 5.21 4.67 -9.80
CA HIS B 53 4.91 3.54 -8.93
C HIS B 53 4.20 2.46 -9.75
N ILE B 54 4.93 1.39 -10.05
CA ILE B 54 4.37 0.26 -10.80
C ILE B 54 3.89 -0.78 -9.81
N LYS B 55 2.70 -1.33 -10.06
CA LYS B 55 2.09 -2.29 -9.16
C LYS B 55 2.45 -3.71 -9.56
N ILE B 56 2.70 -4.55 -8.56
CA ILE B 56 3.01 -5.97 -8.76
C ILE B 56 2.12 -6.78 -7.83
N GLN B 57 1.27 -7.62 -8.40
CA GLN B 57 0.34 -8.44 -7.64
C GLN B 57 0.79 -9.90 -7.65
N ASN B 58 0.53 -10.58 -6.54
CA ASN B 58 0.88 -11.99 -6.39
C ASN B 58 -0.18 -12.65 -5.51
N THR B 59 -1.18 -13.26 -6.15
CA THR B 59 -2.25 -13.93 -5.42
C THR B 59 -1.88 -15.35 -5.01
N GLY B 60 -0.71 -15.84 -5.39
CA GLY B 60 -0.28 -17.17 -5.00
C GLY B 60 0.36 -17.97 -6.12
N ASP B 61 0.21 -17.51 -7.35
CA ASP B 61 0.69 -18.23 -8.52
C ASP B 61 1.98 -17.66 -9.09
N TYR B 62 2.11 -16.34 -9.14
CA TYR B 62 3.27 -15.70 -9.75
C TYR B 62 3.25 -14.22 -9.39
N TYR B 63 4.35 -13.54 -9.71
CA TYR B 63 4.44 -12.09 -9.56
C TYR B 63 3.97 -11.45 -10.86
N ASP B 64 2.82 -10.79 -10.81
CA ASP B 64 2.22 -10.17 -11.98
C ASP B 64 2.49 -8.67 -11.92
N LEU B 65 3.51 -8.24 -12.66
CA LEU B 65 3.80 -6.81 -12.78
C LEU B 65 2.80 -6.16 -13.72
N TYR B 66 2.14 -5.11 -13.24
CA TYR B 66 1.11 -4.44 -14.04
C TYR B 66 1.74 -3.81 -15.28
N GLY B 67 1.25 -4.21 -16.45
CA GLY B 67 1.81 -3.73 -17.69
C GLY B 67 3.07 -4.42 -18.15
N GLY B 68 3.45 -5.51 -17.48
CA GLY B 68 4.63 -6.26 -17.87
C GLY B 68 4.40 -7.75 -17.88
N GLU B 69 5.48 -8.54 -17.96
CA GLU B 69 5.36 -9.98 -17.97
C GLU B 69 5.22 -10.51 -16.55
N LYS B 70 5.15 -11.82 -16.41
CA LYS B 70 4.97 -12.49 -15.13
C LYS B 70 6.23 -13.27 -14.79
N PHE B 71 6.67 -13.16 -13.54
CA PHE B 71 7.97 -13.66 -13.12
C PHE B 71 7.81 -14.56 -11.89
N ALA B 72 8.88 -15.29 -11.59
CA ALA B 72 8.89 -16.24 -10.49
C ALA B 72 9.30 -15.60 -9.16
N THR B 73 10.30 -14.73 -9.18
CA THR B 73 10.74 -14.01 -7.99
C THR B 73 10.96 -12.55 -8.34
N LEU B 74 11.00 -11.70 -7.31
CA LEU B 74 11.28 -10.28 -7.54
C LEU B 74 12.72 -10.07 -8.00
N ALA B 75 13.63 -10.97 -7.61
CA ALA B 75 15.01 -10.87 -8.10
C ALA B 75 15.08 -11.16 -9.59
N GLU B 76 14.41 -12.22 -10.04
CA GLU B 76 14.35 -12.51 -11.47
C GLU B 76 13.63 -11.41 -12.24
N LEU B 77 12.69 -10.72 -11.59
CA LEU B 77 12.02 -9.61 -12.22
C LEU B 77 12.99 -8.44 -12.45
N VAL B 78 13.73 -8.07 -11.40
CA VAL B 78 14.69 -6.97 -11.52
C VAL B 78 15.79 -7.33 -12.50
N GLN B 79 16.27 -8.58 -12.45
CA GLN B 79 17.32 -9.01 -13.35
C GLN B 79 16.87 -8.95 -14.81
N TYR B 80 15.60 -9.31 -15.07
CA TYR B 80 15.12 -9.34 -16.44
C TYR B 80 15.04 -7.94 -17.04
N TYR B 81 14.67 -6.94 -16.25
CA TYR B 81 14.51 -5.58 -16.76
C TYR B 81 15.80 -4.77 -16.74
N MET B 82 16.76 -5.13 -15.88
CA MET B 82 18.07 -4.49 -15.92
C MET B 82 18.95 -5.00 -17.05
N GLU B 83 18.43 -5.92 -17.88
CA GLU B 83 19.15 -6.41 -19.05
C GLU B 83 18.29 -6.40 -20.31
N HIS B 84 17.03 -6.00 -20.22
CA HIS B 84 16.14 -5.92 -21.38
C HIS B 84 15.54 -4.51 -21.46
N GLN B 87 11.48 -2.51 -22.38
CA GLN B 87 10.36 -3.43 -22.24
C GLN B 87 9.49 -3.09 -21.04
N LEU B 88 9.85 -2.05 -20.28
CA LEU B 88 9.06 -1.61 -19.14
C LEU B 88 8.47 -0.24 -19.47
N VAL B 95 9.30 4.75 -21.86
CA VAL B 95 10.12 3.65 -21.35
C VAL B 95 10.60 3.96 -19.93
N ILE B 96 10.56 2.95 -19.07
CA ILE B 96 11.01 3.07 -17.69
C ILE B 96 12.27 2.23 -17.55
N GLU B 97 13.41 2.90 -17.39
CA GLU B 97 14.70 2.22 -17.32
C GLU B 97 15.08 1.92 -15.88
N LEU B 98 15.53 0.70 -15.62
CA LEU B 98 16.01 0.28 -14.31
C LEU B 98 17.53 0.28 -14.34
N LYS B 99 18.14 1.31 -13.77
CA LYS B 99 19.57 1.51 -13.82
C LYS B 99 20.26 1.30 -12.47
N TYR B 100 19.79 1.96 -11.42
CA TYR B 100 20.51 1.98 -10.15
C TYR B 100 19.63 1.46 -9.03
N PRO B 101 20.05 0.41 -8.30
CA PRO B 101 19.29 -0.04 -7.13
C PRO B 101 19.57 0.87 -5.94
N LEU B 102 18.52 1.47 -5.40
CA LEU B 102 18.64 2.23 -4.15
C LEU B 102 18.61 1.24 -3.00
N ASN B 103 19.74 1.06 -2.33
CA ASN B 103 19.88 0.01 -1.33
C ASN B 103 19.25 0.43 -0.01
N CYS B 104 18.94 -0.58 0.81
CA CYS B 104 18.30 -0.40 2.10
C CYS B 104 19.29 -0.66 3.22
N ALA B 105 19.00 -0.07 4.39
CA ALA B 105 19.83 -0.24 5.56
C ALA B 105 19.13 -0.96 6.72
N ASP B 106 17.84 -1.26 6.58
CA ASP B 106 17.10 -1.90 7.66
C ASP B 106 17.56 -3.34 7.82
N PRO B 107 18.16 -3.73 8.95
CA PRO B 107 18.63 -5.10 9.12
C PRO B 107 17.59 -6.08 9.62
N THR B 108 16.30 -5.71 9.63
CA THR B 108 15.27 -6.57 10.19
C THR B 108 15.11 -7.89 9.43
N SER B 109 15.53 -7.95 8.17
CA SER B 109 15.38 -9.14 7.35
C SER B 109 16.65 -9.97 7.26
N GLU B 110 17.69 -9.62 8.01
CA GLU B 110 18.94 -10.39 7.97
C GLU B 110 18.86 -11.57 8.93
N ARG B 111 19.49 -12.68 8.54
CA ARG B 111 19.42 -13.89 9.36
C ARG B 111 20.14 -13.73 10.69
N TRP B 112 21.17 -12.88 10.74
CA TRP B 112 21.97 -12.71 11.95
C TRP B 112 21.43 -11.65 12.90
N PHE B 113 20.45 -10.87 12.49
CA PHE B 113 19.91 -9.78 13.30
C PHE B 113 18.74 -10.30 14.13
N HIS B 114 18.87 -10.23 15.45
CA HIS B 114 17.83 -10.66 16.36
C HIS B 114 17.20 -9.51 17.14
N GLY B 115 17.63 -8.28 16.90
CA GLY B 115 16.97 -7.13 17.52
C GLY B 115 17.14 -7.12 19.02
N HIS B 116 16.02 -6.93 19.73
CA HIS B 116 16.03 -6.91 21.18
C HIS B 116 16.22 -8.32 21.71
N LEU B 117 17.37 -8.57 22.35
CA LEU B 117 17.68 -9.88 22.87
C LEU B 117 18.59 -9.73 24.08
N SER B 118 18.30 -10.49 25.13
CA SER B 118 19.08 -10.39 26.37
C SER B 118 20.50 -10.89 26.16
N GLY B 119 21.42 -10.33 26.95
CA GLY B 119 22.81 -10.73 26.87
C GLY B 119 23.01 -12.18 27.28
N LYS B 120 22.44 -12.57 28.42
CA LYS B 120 22.58 -13.95 28.87
C LYS B 120 21.69 -14.89 28.07
N GLU B 121 20.59 -14.38 27.51
CA GLU B 121 19.72 -15.23 26.69
C GLU B 121 20.39 -15.60 25.38
N ALA B 122 21.09 -14.64 24.75
CA ALA B 122 21.84 -14.97 23.55
C ALA B 122 23.05 -15.84 23.87
N GLU B 123 23.60 -15.71 25.08
CA GLU B 123 24.63 -16.64 25.50
C GLU B 123 24.08 -18.06 25.62
N LYS B 124 22.83 -18.18 26.08
CA LYS B 124 22.19 -19.49 26.15
C LYS B 124 21.91 -20.04 24.76
N LEU B 125 21.33 -19.21 23.89
CA LEU B 125 21.02 -19.64 22.53
C LEU B 125 22.27 -20.08 21.80
N LEU B 126 23.34 -19.28 21.88
CA LEU B 126 24.60 -19.64 21.23
C LEU B 126 25.24 -20.88 21.85
N THR B 127 24.82 -21.27 23.05
CA THR B 127 25.38 -22.45 23.70
C THR B 127 24.55 -23.70 23.41
N GLU B 128 23.22 -23.60 23.54
CA GLU B 128 22.36 -24.77 23.34
C GLU B 128 22.18 -25.11 21.87
N LYS B 129 22.35 -24.14 20.96
CA LYS B 129 22.08 -24.35 19.55
C LYS B 129 23.13 -23.70 18.66
N GLY B 130 24.38 -23.64 19.10
CA GLY B 130 25.42 -23.00 18.33
C GLY B 130 26.60 -23.90 18.01
N LYS B 131 27.42 -23.47 17.06
CA LYS B 131 28.65 -24.17 16.71
C LYS B 131 29.73 -23.11 16.43
N HIS B 132 30.91 -23.59 16.05
CA HIS B 132 32.01 -22.68 15.76
C HIS B 132 31.66 -21.80 14.57
N GLY B 133 31.71 -20.48 14.78
CA GLY B 133 31.36 -19.52 13.75
C GLY B 133 29.94 -19.01 13.84
N SER B 134 29.08 -19.65 14.62
CA SER B 134 27.71 -19.16 14.79
C SER B 134 27.73 -17.80 15.47
N PHE B 135 27.00 -16.84 14.89
CA PHE B 135 27.03 -15.48 15.38
C PHE B 135 25.65 -14.85 15.23
N LEU B 136 25.49 -13.71 15.90
CA LEU B 136 24.26 -12.93 15.82
C LEU B 136 24.59 -11.49 16.16
N VAL B 137 23.67 -10.60 15.82
CA VAL B 137 23.78 -9.19 16.15
C VAL B 137 22.50 -8.77 16.87
N ARG B 138 22.65 -8.28 18.09
CA ARG B 138 21.53 -7.88 18.93
C ARG B 138 21.66 -6.41 19.30
N GLU B 139 20.59 -5.86 19.85
CA GLU B 139 20.60 -4.50 20.36
C GLU B 139 21.27 -4.46 21.72
N SER B 140 22.02 -3.39 21.98
CA SER B 140 22.75 -3.27 23.24
C SER B 140 21.82 -2.87 24.37
N GLN B 141 21.97 -3.51 25.52
CA GLN B 141 21.15 -3.15 26.67
C GLN B 141 21.81 -2.10 27.55
N SER B 142 23.14 -2.03 27.56
CA SER B 142 23.82 -1.02 28.36
C SER B 142 23.62 0.36 27.76
N HIS B 143 24.32 0.65 26.66
CA HIS B 143 24.17 1.92 25.97
C HIS B 143 23.05 1.79 24.95
N PRO B 144 21.92 2.49 25.11
CA PRO B 144 20.86 2.41 24.11
C PRO B 144 21.30 3.03 22.79
N GLY B 145 20.88 2.41 21.69
CA GLY B 145 21.26 2.80 20.36
C GLY B 145 22.40 1.98 19.78
N ASP B 146 23.30 1.50 20.62
CA ASP B 146 24.39 0.65 20.16
C ASP B 146 23.90 -0.78 19.93
N PHE B 147 24.78 -1.60 19.36
CA PHE B 147 24.49 -2.99 19.09
C PHE B 147 25.66 -3.84 19.58
N VAL B 148 25.41 -5.14 19.73
CA VAL B 148 26.41 -6.09 20.16
C VAL B 148 26.47 -7.25 19.16
N LEU B 149 27.67 -7.72 18.88
CA LEU B 149 27.90 -8.84 17.97
C LEU B 149 28.51 -9.98 18.78
N SER B 150 27.75 -11.07 18.94
CA SER B 150 28.14 -12.21 19.77
C SER B 150 28.51 -13.38 18.88
N VAL B 151 29.69 -13.95 19.12
CA VAL B 151 30.24 -15.02 18.28
C VAL B 151 30.66 -16.17 19.16
N ARG B 152 30.27 -17.39 18.76
CA ARG B 152 30.76 -18.60 19.40
C ARG B 152 32.01 -19.09 18.67
N THR B 153 33.02 -19.48 19.44
CA THR B 153 34.29 -19.94 18.89
C THR B 153 34.73 -21.20 19.62
N GLY B 154 35.08 -22.23 18.86
CA GLY B 154 35.54 -23.49 19.42
C GLY B 154 36.20 -24.40 18.41
N SER B 165 33.46 -23.49 22.60
CA SER B 165 34.32 -23.35 23.78
C SER B 165 34.07 -22.02 24.49
N LYS B 166 33.91 -20.95 23.71
CA LYS B 166 33.74 -19.62 24.27
C LYS B 166 32.77 -18.82 23.41
N VAL B 167 32.14 -17.83 24.03
CA VAL B 167 31.22 -16.91 23.36
C VAL B 167 31.78 -15.51 23.56
N THR B 168 32.24 -14.89 22.47
CA THR B 168 32.86 -13.57 22.52
C THR B 168 31.84 -12.51 22.11
N HIS B 169 31.85 -11.39 22.83
CA HIS B 169 30.98 -10.25 22.55
C HIS B 169 31.82 -9.10 22.02
N VAL B 170 31.31 -8.42 21.00
CA VAL B 170 31.98 -7.27 20.39
C VAL B 170 30.98 -6.14 20.28
N MET B 171 31.32 -4.99 20.87
CA MET B 171 30.43 -3.84 20.80
C MET B 171 30.42 -3.22 19.42
N ILE B 172 29.27 -2.71 19.02
CA ILE B 172 29.10 -1.97 17.76
C ILE B 172 28.53 -0.62 18.14
N ARG B 173 29.38 0.40 18.15
CA ARG B 173 28.95 1.74 18.51
C ARG B 173 28.30 2.43 17.32
N CYS B 174 27.16 3.09 17.58
CA CYS B 174 26.47 3.88 16.58
C CYS B 174 26.80 5.36 16.82
N GLN B 175 27.46 5.98 15.86
CA GLN B 175 27.90 7.38 15.98
C GLN B 175 27.52 8.12 14.71
N GLU B 176 26.54 9.02 14.83
CA GLU B 176 26.10 9.87 13.72
C GLU B 176 25.67 9.03 12.51
N LEU B 177 24.73 8.11 12.76
CA LEU B 177 24.18 7.22 11.73
C LEU B 177 25.27 6.40 11.05
N LYS B 178 26.29 6.00 11.81
CA LYS B 178 27.36 5.15 11.31
C LYS B 178 27.72 4.14 12.38
N TYR B 179 28.32 3.03 11.95
CA TYR B 179 28.57 1.90 12.83
C TYR B 179 30.03 1.45 12.74
N ASP B 180 30.60 1.09 13.88
CA ASP B 180 31.98 0.64 13.95
C ASP B 180 32.16 -0.24 15.16
N VAL B 181 33.28 -0.94 15.22
CA VAL B 181 33.60 -1.84 16.32
C VAL B 181 34.63 -1.24 17.26
N GLY B 182 34.78 0.09 17.25
CA GLY B 182 35.75 0.77 18.09
C GLY B 182 36.95 1.30 17.34
N GLY B 183 37.06 1.02 16.06
CA GLY B 183 38.20 1.50 15.28
C GLY B 183 38.08 1.02 13.85
N GLY B 184 38.80 1.72 12.97
CA GLY B 184 38.80 1.37 11.56
C GLY B 184 37.77 2.13 10.75
N GLU B 185 37.09 1.43 9.84
CA GLU B 185 36.12 2.06 8.96
C GLU B 185 34.77 2.19 9.64
N ARG B 186 34.07 3.29 9.35
CA ARG B 186 32.71 3.52 9.82
C ARG B 186 31.74 3.19 8.71
N PHE B 187 30.77 2.33 9.01
CA PHE B 187 29.87 1.76 8.01
C PHE B 187 28.52 2.47 8.04
N ASP B 188 27.85 2.46 6.88
CA ASP B 188 26.52 3.04 6.76
C ASP B 188 25.42 2.08 7.18
N SER B 189 25.70 0.79 7.22
CA SER B 189 24.71 -0.21 7.57
C SER B 189 25.34 -1.31 8.41
N LEU B 190 24.56 -1.88 9.33
CA LEU B 190 25.02 -3.05 10.07
C LEU B 190 25.36 -4.18 9.12
N THR B 191 24.59 -4.33 8.04
CA THR B 191 24.87 -5.36 7.05
C THR B 191 26.23 -5.14 6.40
N ASP B 192 26.57 -3.89 6.08
CA ASP B 192 27.89 -3.59 5.54
C ASP B 192 28.99 -3.92 6.54
N LEU B 193 28.73 -3.67 7.82
CA LEU B 193 29.71 -4.02 8.85
C LEU B 193 29.87 -5.53 8.95
N VAL B 194 28.75 -6.27 8.94
CA VAL B 194 28.82 -7.72 9.05
C VAL B 194 29.48 -8.32 7.81
N GLU B 195 29.12 -7.83 6.62
CA GLU B 195 29.71 -8.37 5.39
C GLU B 195 31.19 -8.05 5.28
N HIS B 196 31.64 -6.95 5.87
CA HIS B 196 33.05 -6.62 5.84
C HIS B 196 33.86 -7.57 6.73
N TYR B 197 33.35 -7.86 7.93
CA TYR B 197 34.04 -8.72 8.86
C TYR B 197 33.79 -10.20 8.62
N LYS B 198 32.87 -10.54 7.72
CA LYS B 198 32.74 -11.94 7.31
C LYS B 198 33.89 -12.36 6.40
N LYS B 199 34.44 -11.41 5.63
CA LYS B 199 35.57 -11.67 4.77
C LYS B 199 36.90 -11.22 5.37
N ASN B 200 36.88 -10.22 6.25
CA ASN B 200 38.07 -9.72 6.95
C ASN B 200 37.82 -9.86 8.44
N PRO B 201 38.00 -11.06 9.00
CA PRO B 201 37.59 -11.29 10.39
C PRO B 201 38.46 -10.53 11.38
N MET B 202 37.89 -10.26 12.54
CA MET B 202 38.61 -9.62 13.63
C MET B 202 39.51 -10.64 14.32
N VAL B 203 40.76 -10.27 14.56
CA VAL B 203 41.73 -11.14 15.23
C VAL B 203 41.97 -10.56 16.62
N GLU B 204 41.69 -11.36 17.64
CA GLU B 204 41.88 -10.90 19.01
C GLU B 204 43.38 -10.84 19.34
N THR B 205 43.69 -10.05 20.37
CA THR B 205 45.08 -9.76 20.75
C THR B 205 45.81 -10.97 21.34
N LEU B 206 45.29 -12.20 21.24
CA LEU B 206 45.99 -13.36 21.77
C LEU B 206 45.89 -14.56 20.83
N GLY B 207 45.43 -14.37 19.59
CA GLY B 207 45.43 -15.42 18.58
C GLY B 207 44.06 -15.82 18.06
N THR B 208 43.00 -15.51 18.79
CA THR B 208 41.67 -15.95 18.39
C THR B 208 41.17 -15.15 17.18
N VAL B 209 40.54 -15.83 16.24
CA VAL B 209 39.97 -15.22 15.05
C VAL B 209 38.46 -15.34 15.15
N LEU B 210 37.78 -14.21 15.26
CA LEU B 210 36.32 -14.17 15.37
C LEU B 210 35.72 -14.29 13.97
N GLN B 211 35.58 -15.54 13.53
CA GLN B 211 35.08 -15.84 12.19
C GLN B 211 33.55 -15.85 12.19
N LEU B 212 32.96 -15.17 11.22
CA LEU B 212 31.50 -15.12 11.07
C LEU B 212 31.10 -16.13 10.00
N LYS B 213 31.01 -17.39 10.43
CA LYS B 213 30.71 -18.48 9.50
C LYS B 213 29.25 -18.46 9.08
N GLN B 214 28.36 -18.87 9.98
CA GLN B 214 26.94 -18.90 9.70
C GLN B 214 26.16 -18.21 10.81
N PRO B 215 25.02 -17.62 10.49
CA PRO B 215 24.17 -17.03 11.54
C PRO B 215 23.65 -18.11 12.47
N LEU B 216 23.32 -17.69 13.69
CA LEU B 216 22.76 -18.61 14.66
C LEU B 216 21.41 -19.13 14.17
N ASN B 217 21.23 -20.45 14.23
CA ASN B 217 20.03 -21.10 13.72
C ASN B 217 18.98 -21.11 14.81
N THR B 218 18.07 -20.13 14.77
CA THR B 218 16.95 -20.06 15.71
C THR B 218 15.64 -20.45 15.06
N THR B 219 15.69 -21.19 13.95
CA THR B 219 14.49 -21.69 13.29
C THR B 219 14.39 -23.22 13.29
N ARG B 220 15.44 -23.92 13.68
CA ARG B 220 15.41 -25.38 13.80
C ARG B 220 14.83 -25.74 15.16
N ILE B 221 13.61 -26.27 15.17
CA ILE B 221 12.91 -26.58 16.40
C ILE B 221 12.55 -28.07 16.43
N ASN B 222 12.23 -28.55 17.61
CA ASN B 222 11.77 -29.92 17.77
C ASN B 222 10.30 -30.03 17.37
N ALA B 223 9.95 -31.18 16.79
CA ALA B 223 8.57 -31.41 16.35
C ALA B 223 7.57 -31.35 17.50
N ALA B 224 8.05 -31.47 18.76
CA ALA B 224 7.14 -31.40 19.89
C ALA B 224 6.74 -29.97 20.21
N GLU B 225 7.65 -29.02 20.04
CA GLU B 225 7.41 -27.62 20.38
C GLU B 225 6.98 -26.78 19.17
N ILE B 226 6.42 -27.42 18.14
CA ILE B 226 6.00 -26.68 16.96
C ILE B 226 4.80 -25.78 17.29
N GLU B 227 3.89 -26.27 18.14
CA GLU B 227 2.73 -25.47 18.51
C GLU B 227 3.13 -24.23 19.31
N SER B 228 4.21 -24.33 20.10
CA SER B 228 4.68 -23.18 20.86
C SER B 228 5.34 -22.15 19.96
N ARG B 229 5.98 -22.58 18.87
CA ARG B 229 6.60 -21.64 17.95
C ARG B 229 5.54 -20.91 17.13
N VAL B 230 4.47 -21.61 16.74
CA VAL B 230 3.38 -20.96 16.01
C VAL B 230 2.71 -19.90 16.88
N ARG B 231 2.57 -20.18 18.18
CA ARG B 231 1.99 -19.20 19.09
C ARG B 231 2.86 -17.96 19.18
N GLU B 232 4.18 -18.13 19.20
CA GLU B 232 5.08 -16.99 19.24
C GLU B 232 5.13 -16.26 17.91
N LEU B 233 4.98 -16.99 16.80
CA LEU B 233 4.98 -16.36 15.48
C LEU B 233 3.65 -15.70 15.14
N SER B 234 2.56 -16.09 15.80
CA SER B 234 1.25 -15.55 15.48
C SER B 234 0.98 -14.19 16.14
N LYS B 235 1.84 -13.75 17.05
CA LYS B 235 1.65 -12.46 17.71
C LYS B 235 2.92 -11.60 17.62
N GLY B 246 5.09 -11.79 13.14
CA GLY B 246 6.01 -12.87 13.39
C GLY B 246 6.32 -13.70 12.16
N PHE B 247 5.29 -14.34 11.61
CA PHE B 247 5.45 -15.06 10.35
C PHE B 247 5.95 -14.14 9.24
N TRP B 248 5.46 -12.89 9.22
CA TRP B 248 5.84 -11.95 8.18
C TRP B 248 7.32 -11.61 8.26
N GLU B 249 7.86 -11.49 9.46
CA GLU B 249 9.27 -11.15 9.61
C GLU B 249 10.17 -12.31 9.18
N GLU B 250 9.80 -13.54 9.55
CA GLU B 250 10.60 -14.70 9.15
C GLU B 250 10.52 -14.96 7.65
N PHE B 251 9.38 -14.64 7.03
CA PHE B 251 9.23 -14.90 5.60
C PHE B 251 10.14 -14.00 4.77
N GLU B 252 10.11 -12.70 5.04
CA GLU B 252 10.96 -11.77 4.30
C GLU B 252 12.43 -11.97 4.60
N THR B 253 12.76 -12.64 5.71
CA THR B 253 14.14 -13.03 5.95
C THR B 253 14.56 -14.13 4.99
N LEU B 254 13.66 -15.07 4.70
CA LEU B 254 13.92 -16.07 3.67
C LEU B 254 13.85 -15.45 2.28
N GLN B 255 12.97 -14.47 2.10
CA GLN B 255 12.82 -13.84 0.79
C GLN B 255 14.05 -13.06 0.39
N GLN B 256 14.81 -12.55 1.36
CA GLN B 256 16.01 -11.78 1.03
C GLN B 256 17.10 -12.67 0.45
N GLN B 257 17.12 -13.95 0.81
CA GLN B 257 18.14 -14.87 0.33
C GLN B 257 17.85 -15.44 -1.04
N GLU B 258 16.77 -15.02 -1.70
CA GLU B 258 16.46 -15.54 -3.02
C GLU B 258 17.46 -15.08 -4.08
N CYS B 259 18.23 -14.02 -3.79
CA CYS B 259 19.22 -13.53 -4.74
C CYS B 259 20.37 -14.51 -4.93
N LYS B 260 20.56 -15.44 -3.99
CA LYS B 260 21.58 -16.47 -4.12
C LYS B 260 21.12 -17.64 -5.00
N LEU B 261 19.99 -17.50 -5.69
CA LEU B 261 19.40 -18.60 -6.45
C LEU B 261 19.16 -18.22 -7.91
N LEU B 262 19.88 -17.23 -8.44
CA LEU B 262 19.70 -16.80 -9.82
C LEU B 262 20.52 -17.67 -10.77
N TYR B 263 20.17 -18.96 -10.80
CA TYR B 263 20.85 -19.89 -11.69
C TYR B 263 20.39 -19.68 -13.13
N SER B 264 21.12 -20.29 -14.06
CA SER B 264 20.87 -20.08 -15.48
C SER B 264 19.64 -20.85 -15.94
N ARG B 265 18.86 -20.22 -16.82
CA ARG B 265 17.72 -20.85 -17.48
C ARG B 265 17.80 -20.58 -18.99
N LYS B 266 18.84 -21.13 -19.61
CA LYS B 266 19.13 -20.81 -21.01
C LYS B 266 18.28 -21.64 -21.96
N GLU B 267 18.08 -22.92 -21.68
CA GLU B 267 17.33 -23.78 -22.60
C GLU B 267 15.90 -23.28 -22.80
N GLY B 268 15.29 -22.76 -21.74
CA GLY B 268 13.95 -22.20 -21.86
C GLY B 268 13.90 -20.92 -22.66
N GLN B 269 15.02 -20.22 -22.80
CA GLN B 269 15.10 -18.99 -23.57
C GLN B 269 15.39 -19.24 -25.05
N ARG B 270 15.62 -20.48 -25.46
CA ARG B 270 15.89 -20.77 -26.85
C ARG B 270 14.63 -20.58 -27.69
N GLN B 271 14.85 -20.24 -28.97
CA GLN B 271 13.73 -19.95 -29.86
C GLN B 271 12.81 -21.15 -30.02
N GLU B 272 13.38 -22.35 -30.14
CA GLU B 272 12.58 -23.55 -30.33
C GLU B 272 11.72 -23.88 -29.11
N ASN B 273 12.06 -23.36 -27.93
CA ASN B 273 11.36 -23.70 -26.70
C ASN B 273 10.51 -22.56 -26.15
N LYS B 274 10.42 -21.43 -26.86
CA LYS B 274 9.66 -20.29 -26.34
C LYS B 274 8.18 -20.63 -26.21
N ASN B 275 7.60 -21.23 -27.25
CA ASN B 275 6.19 -21.58 -27.24
C ASN B 275 5.87 -22.80 -26.39
N LYS B 276 6.87 -23.39 -25.74
CA LYS B 276 6.65 -24.58 -24.91
C LYS B 276 6.45 -24.23 -23.43
N ASN B 277 6.64 -22.97 -23.05
CA ASN B 277 6.40 -22.53 -21.68
C ASN B 277 5.09 -21.76 -21.61
N ARG B 278 4.31 -22.03 -20.56
CA ARG B 278 3.05 -21.31 -20.39
C ARG B 278 3.29 -19.84 -20.06
N TYR B 279 4.32 -19.56 -19.27
CA TYR B 279 4.72 -18.19 -18.96
C TYR B 279 6.16 -18.02 -19.41
N LYS B 280 6.39 -17.06 -20.31
CA LYS B 280 7.65 -17.01 -21.06
C LYS B 280 8.85 -16.76 -20.17
N ASN B 281 8.65 -16.11 -19.02
CA ASN B 281 9.76 -15.74 -18.15
C ASN B 281 9.89 -16.61 -16.90
N ILE B 282 8.99 -17.58 -16.71
CA ILE B 282 9.08 -18.55 -15.63
C ILE B 282 9.66 -19.82 -16.22
N LEU B 283 10.97 -20.02 -16.04
CA LEU B 283 11.71 -21.06 -16.71
C LEU B 283 12.36 -22.01 -15.71
N PRO B 284 12.60 -23.26 -16.10
CA PRO B 284 13.27 -24.20 -15.21
C PRO B 284 14.78 -23.98 -15.18
N PHE B 285 15.37 -24.29 -14.02
CA PHE B 285 16.82 -24.23 -13.90
C PHE B 285 17.47 -25.21 -14.86
N ASP B 286 18.58 -24.79 -15.45
CA ASP B 286 19.28 -25.65 -16.41
C ASP B 286 19.79 -26.93 -15.75
N HIS B 287 20.27 -26.83 -14.52
CA HIS B 287 20.94 -27.96 -13.89
C HIS B 287 19.99 -28.94 -13.21
N THR B 288 18.70 -28.60 -13.11
CA THR B 288 17.72 -29.51 -12.53
C THR B 288 16.58 -29.84 -13.49
N ARG B 289 16.60 -29.32 -14.72
CA ARG B 289 15.52 -29.54 -15.66
C ARG B 289 15.44 -31.02 -16.06
N VAL B 290 14.24 -31.43 -16.47
CA VAL B 290 14.04 -32.78 -16.98
C VAL B 290 14.39 -32.79 -18.46
N VAL B 291 15.24 -33.74 -18.86
CA VAL B 291 15.70 -33.88 -20.23
C VAL B 291 15.03 -35.10 -20.84
N LEU B 292 14.47 -34.94 -22.03
CA LEU B 292 13.74 -36.01 -22.72
C LEU B 292 14.62 -36.61 -23.79
N HIS B 293 14.51 -37.94 -23.96
CA HIS B 293 15.32 -38.69 -24.93
C HIS B 293 14.37 -39.56 -25.77
N ASP B 294 13.76 -38.94 -26.77
CA ASP B 294 12.82 -39.65 -27.64
C ASP B 294 13.09 -39.36 -29.10
N SER B 302 12.90 -33.17 -29.77
CA SER B 302 13.54 -32.19 -28.90
C SER B 302 13.44 -32.65 -27.44
N ASP B 303 14.24 -32.04 -26.56
CA ASP B 303 14.46 -32.54 -25.22
C ASP B 303 13.95 -31.62 -24.12
N TYR B 304 13.10 -30.65 -24.45
CA TYR B 304 12.73 -29.62 -23.50
C TYR B 304 11.31 -29.82 -22.97
N ILE B 305 11.16 -29.59 -21.66
CA ILE B 305 9.86 -29.50 -21.01
C ILE B 305 10.06 -28.70 -19.73
N ASN B 306 9.16 -27.76 -19.48
CA ASN B 306 9.28 -26.92 -18.29
C ASN B 306 9.02 -27.75 -17.04
N ALA B 307 10.09 -28.33 -16.49
CA ALA B 307 9.98 -29.22 -15.33
C ALA B 307 11.34 -29.33 -14.67
N ASN B 308 11.32 -29.64 -13.38
CA ASN B 308 12.55 -29.80 -12.60
C ASN B 308 12.40 -30.97 -11.65
N ILE B 309 13.51 -31.65 -11.40
CA ILE B 309 13.54 -32.71 -10.38
C ILE B 309 13.75 -32.06 -9.02
N ILE B 310 12.95 -32.46 -8.05
CA ILE B 310 13.06 -31.96 -6.68
C ILE B 310 13.61 -33.09 -5.82
N MET B 311 14.81 -32.89 -5.28
CA MET B 311 15.46 -33.86 -4.42
C MET B 311 15.59 -33.29 -3.03
N PRO B 312 15.03 -33.93 -1.99
CA PRO B 312 15.19 -33.47 -0.61
C PRO B 312 16.45 -34.01 0.04
N LYS B 324 13.15 -41.11 1.02
CA LYS B 324 13.70 -41.55 -0.26
C LYS B 324 12.92 -40.95 -1.43
N LYS B 325 11.85 -40.23 -1.10
CA LYS B 325 10.92 -39.75 -2.12
C LYS B 325 11.46 -38.53 -2.84
N SER B 326 11.30 -38.50 -4.15
CA SER B 326 11.65 -37.36 -4.98
C SER B 326 10.42 -36.89 -5.74
N TYR B 327 10.50 -35.68 -6.28
CA TYR B 327 9.36 -35.02 -6.90
C TYR B 327 9.76 -34.44 -8.25
N ILE B 328 8.76 -34.21 -9.09
CA ILE B 328 8.91 -33.48 -10.35
C ILE B 328 7.90 -32.34 -10.34
N ALA B 329 8.41 -31.11 -10.25
CA ALA B 329 7.56 -29.93 -10.25
C ALA B 329 7.54 -29.33 -11.65
N THR B 330 6.35 -29.21 -12.24
CA THR B 330 6.21 -28.73 -13.60
C THR B 330 4.98 -27.84 -13.70
N GLN B 331 4.81 -27.25 -14.88
CA GLN B 331 3.68 -26.37 -15.17
C GLN B 331 2.48 -27.19 -15.66
N GLY B 332 1.36 -26.49 -15.83
CA GLY B 332 0.20 -27.12 -16.45
C GLY B 332 0.40 -27.26 -17.95
N CYS B 333 -0.08 -28.37 -18.50
CA CYS B 333 0.17 -28.69 -19.90
C CYS B 333 -0.46 -27.65 -20.81
N LEU B 334 0.29 -27.29 -21.85
CA LEU B 334 -0.26 -26.51 -22.96
C LEU B 334 -0.73 -27.47 -24.05
N GLN B 335 -1.53 -26.93 -24.97
CA GLN B 335 -2.09 -27.75 -26.04
C GLN B 335 -1.00 -28.43 -26.87
N ASN B 336 0.15 -27.77 -27.02
CA ASN B 336 1.23 -28.27 -27.85
C ASN B 336 2.35 -28.93 -27.03
N THR B 337 2.13 -29.18 -25.75
CA THR B 337 3.11 -29.86 -24.91
C THR B 337 2.53 -31.06 -24.17
N VAL B 338 1.31 -31.50 -24.53
CA VAL B 338 0.73 -32.68 -23.89
C VAL B 338 1.50 -33.94 -24.26
N ASN B 339 1.91 -34.04 -25.53
CA ASN B 339 2.69 -35.20 -25.96
C ASN B 339 4.03 -35.26 -25.22
N ASP B 340 4.65 -34.12 -24.98
CA ASP B 340 5.91 -34.10 -24.22
C ASP B 340 5.68 -34.41 -22.75
N PHE B 341 4.51 -34.06 -22.22
CA PHE B 341 4.23 -34.34 -20.82
C PHE B 341 4.20 -35.84 -20.55
N TRP B 342 3.54 -36.61 -21.42
CA TRP B 342 3.48 -38.05 -21.25
C TRP B 342 4.81 -38.73 -21.60
N ARG B 343 5.65 -38.08 -22.41
CA ARG B 343 7.02 -38.57 -22.57
C ARG B 343 7.77 -38.54 -21.26
N MET B 344 7.58 -37.48 -20.47
CA MET B 344 8.27 -37.36 -19.19
C MET B 344 7.77 -38.39 -18.19
N VAL B 345 6.45 -38.62 -18.15
CA VAL B 345 5.90 -39.58 -17.20
C VAL B 345 6.40 -40.99 -17.51
N PHE B 346 6.46 -41.34 -18.79
CA PHE B 346 6.96 -42.66 -19.17
C PHE B 346 8.45 -42.79 -18.90
N GLN B 347 9.21 -41.73 -19.17
CA GLN B 347 10.66 -41.80 -19.03
C GLN B 347 11.08 -41.94 -17.57
N GLU B 348 10.50 -41.13 -16.69
CA GLU B 348 10.90 -41.10 -15.28
C GLU B 348 10.24 -42.21 -14.47
N ASN B 349 9.44 -43.07 -15.10
CA ASN B 349 8.77 -44.19 -14.41
C ASN B 349 7.88 -43.69 -13.27
N SER B 350 7.23 -42.55 -13.48
CA SER B 350 6.32 -42.01 -12.49
C SER B 350 5.00 -42.77 -12.51
N ARG B 351 4.43 -42.99 -11.33
CA ARG B 351 3.18 -43.71 -11.19
C ARG B 351 2.10 -42.90 -10.47
N VAL B 352 2.40 -41.68 -10.04
CA VAL B 352 1.46 -40.84 -9.31
C VAL B 352 1.61 -39.40 -9.82
N ILE B 353 0.48 -38.75 -10.06
CA ILE B 353 0.44 -37.35 -10.47
C ILE B 353 -0.43 -36.59 -9.48
N VAL B 354 0.04 -35.42 -9.05
CA VAL B 354 -0.67 -34.57 -8.11
C VAL B 354 -1.03 -33.28 -8.84
N MET B 355 -2.32 -33.11 -9.15
CA MET B 355 -2.84 -31.93 -9.83
C MET B 355 -3.57 -31.06 -8.83
N THR B 356 -3.10 -29.82 -8.65
CA THR B 356 -3.66 -28.93 -7.65
C THR B 356 -4.28 -27.69 -8.28
N THR B 357 -5.08 -27.89 -9.33
CA THR B 357 -5.78 -26.79 -9.99
C THR B 357 -6.87 -27.36 -10.87
N LYS B 358 -7.89 -26.56 -11.12
CA LYS B 358 -8.89 -26.90 -12.12
C LYS B 358 -8.38 -26.54 -13.50
N GLU B 359 -9.00 -27.14 -14.52
CA GLU B 359 -8.65 -26.81 -15.90
C GLU B 359 -8.87 -25.32 -16.17
N VAL B 360 -9.96 -24.76 -15.65
CA VAL B 360 -10.25 -23.35 -15.76
C VAL B 360 -10.56 -22.82 -14.36
N GLU B 361 -9.93 -21.72 -13.98
CA GLU B 361 -10.21 -21.02 -12.73
C GLU B 361 -10.30 -19.54 -13.01
N ARG B 362 -11.30 -18.89 -12.43
CA ARG B 362 -11.56 -17.46 -12.63
C ARG B 362 -11.72 -17.12 -14.10
N GLY B 363 -12.25 -18.06 -14.88
CA GLY B 363 -12.39 -17.88 -16.31
C GLY B 363 -11.11 -18.02 -17.11
N LYS B 364 -9.96 -18.11 -16.46
CA LYS B 364 -8.68 -18.26 -17.13
C LYS B 364 -8.25 -19.72 -17.14
N SER B 365 -7.56 -20.10 -18.21
CA SER B 365 -7.13 -21.49 -18.38
C SER B 365 -5.85 -21.75 -17.58
N LYS B 366 -5.87 -22.81 -16.77
CA LYS B 366 -4.71 -23.17 -15.96
C LYS B 366 -4.01 -24.42 -16.45
N CYS B 367 -4.74 -25.35 -17.08
CA CYS B 367 -4.16 -26.58 -17.60
C CYS B 367 -5.15 -27.23 -18.55
N VAL B 368 -4.67 -27.61 -19.74
CA VAL B 368 -5.51 -28.30 -20.69
C VAL B 368 -5.71 -29.75 -20.27
N LYS B 369 -6.76 -30.37 -20.81
CA LYS B 369 -7.10 -31.74 -20.46
C LYS B 369 -6.13 -32.69 -21.16
N TYR B 370 -5.22 -33.29 -20.39
CA TYR B 370 -4.24 -34.21 -20.93
C TYR B 370 -4.58 -35.67 -20.62
N TRP B 371 -5.75 -35.92 -20.02
CA TRP B 371 -6.20 -37.27 -19.72
C TRP B 371 -7.51 -37.55 -20.43
N PRO B 372 -7.72 -38.78 -20.89
CA PRO B 372 -8.97 -39.11 -21.58
C PRO B 372 -10.14 -39.09 -20.62
N ASP B 373 -11.34 -38.98 -21.20
CA ASP B 373 -12.57 -39.14 -20.43
C ASP B 373 -12.63 -40.56 -19.86
N GLU B 374 -13.49 -40.74 -18.86
CA GLU B 374 -13.59 -42.03 -18.20
C GLU B 374 -13.97 -43.11 -19.21
N TYR B 375 -13.19 -44.20 -19.20
CA TYR B 375 -13.29 -45.38 -20.07
C TYR B 375 -12.80 -45.12 -21.48
N ALA B 376 -12.40 -43.89 -21.81
CA ALA B 376 -11.92 -43.59 -23.15
C ALA B 376 -10.47 -44.04 -23.31
N LEU B 377 -9.97 -43.92 -24.54
CA LEU B 377 -8.60 -44.30 -24.88
C LEU B 377 -8.07 -43.29 -25.90
N LYS B 378 -6.97 -42.63 -25.56
CA LYS B 378 -6.40 -41.61 -26.42
C LYS B 378 -4.92 -41.87 -26.65
N GLU B 379 -4.43 -41.42 -27.80
CA GLU B 379 -3.01 -41.46 -28.14
C GLU B 379 -2.47 -40.05 -28.16
N TYR B 380 -1.42 -39.81 -27.39
CA TYR B 380 -0.73 -38.52 -27.34
C TYR B 380 0.66 -38.73 -27.92
N GLY B 381 0.76 -38.68 -29.24
CA GLY B 381 2.00 -38.98 -29.92
C GLY B 381 2.29 -40.47 -29.92
N VAL B 382 3.45 -40.85 -29.37
CA VAL B 382 3.81 -42.26 -29.26
C VAL B 382 3.30 -42.90 -27.98
N MET B 383 2.55 -42.16 -27.16
CA MET B 383 2.08 -42.65 -25.88
C MET B 383 0.57 -42.85 -25.91
N ARG B 384 0.12 -44.01 -25.44
CA ARG B 384 -1.29 -44.36 -25.40
C ARG B 384 -1.74 -44.42 -23.95
N VAL B 385 -2.84 -43.73 -23.64
CA VAL B 385 -3.35 -43.60 -22.27
C VAL B 385 -4.81 -44.00 -22.25
N ARG B 386 -5.18 -44.81 -21.26
CA ARG B 386 -6.56 -45.22 -21.03
C ARG B 386 -7.01 -44.81 -19.64
N ASN B 387 -8.21 -44.26 -19.54
CA ASN B 387 -8.81 -43.89 -18.25
C ASN B 387 -9.61 -45.09 -17.76
N VAL B 388 -9.06 -45.83 -16.80
CA VAL B 388 -9.70 -47.05 -16.32
C VAL B 388 -10.93 -46.71 -15.50
N LYS B 389 -10.76 -45.98 -14.40
CA LYS B 389 -11.86 -45.66 -13.51
C LYS B 389 -11.58 -44.32 -12.84
N GLU B 390 -12.64 -43.70 -12.34
CA GLU B 390 -12.55 -42.43 -11.62
C GLU B 390 -13.27 -42.57 -10.29
N SER B 391 -12.55 -42.35 -9.20
CA SER B 391 -13.11 -42.31 -7.86
C SER B 391 -13.08 -40.88 -7.36
N ALA B 392 -14.22 -40.38 -6.90
CA ALA B 392 -14.37 -38.99 -6.53
C ALA B 392 -14.63 -38.88 -5.03
N ALA B 393 -13.70 -38.23 -4.32
CA ALA B 393 -13.92 -37.84 -2.95
C ALA B 393 -14.42 -36.40 -2.93
N HIS B 394 -14.40 -35.74 -1.76
CA HIS B 394 -14.87 -34.37 -1.69
C HIS B 394 -13.80 -33.40 -2.19
N ASP B 395 -12.59 -33.48 -1.63
CA ASP B 395 -11.55 -32.52 -1.95
C ASP B 395 -10.82 -32.83 -3.25
N TYR B 396 -10.93 -34.05 -3.78
CA TYR B 396 -10.16 -34.44 -4.94
C TYR B 396 -10.92 -35.50 -5.73
N THR B 397 -10.30 -35.94 -6.82
CA THR B 397 -10.83 -37.02 -7.65
C THR B 397 -9.66 -37.88 -8.11
N LEU B 398 -9.74 -39.19 -7.84
CA LEU B 398 -8.71 -40.12 -8.27
C LEU B 398 -9.05 -40.68 -9.64
N ARG B 399 -8.07 -40.68 -10.54
CA ARG B 399 -8.22 -41.22 -11.88
C ARG B 399 -7.15 -42.28 -12.11
N GLU B 400 -7.58 -43.53 -12.27
CA GLU B 400 -6.67 -44.63 -12.55
C GLU B 400 -6.39 -44.67 -14.05
N LEU B 401 -5.19 -44.26 -14.44
CA LEU B 401 -4.80 -44.21 -15.84
C LEU B 401 -3.77 -45.29 -16.13
N LYS B 402 -3.79 -45.80 -17.36
CA LYS B 402 -2.84 -46.82 -17.82
C LYS B 402 -2.09 -46.25 -19.01
N LEU B 403 -0.79 -46.02 -18.84
CA LEU B 403 0.06 -45.40 -19.84
C LEU B 403 0.96 -46.45 -20.47
N SER B 404 1.11 -46.37 -21.79
CA SER B 404 1.98 -47.28 -22.53
C SER B 404 2.38 -46.63 -23.84
N LYS B 405 3.54 -47.05 -24.35
CA LYS B 405 4.00 -46.60 -25.65
C LYS B 405 3.37 -47.45 -26.75
N VAL B 406 3.05 -46.81 -27.88
CA VAL B 406 2.42 -47.52 -28.99
C VAL B 406 3.42 -48.48 -29.61
N GLY B 407 2.94 -49.67 -29.98
CA GLY B 407 3.77 -50.69 -30.59
C GLY B 407 4.40 -51.66 -29.61
N GLN B 408 4.68 -51.21 -28.39
CA GLN B 408 5.27 -52.06 -27.35
C GLN B 408 4.23 -52.30 -26.27
N GLY B 409 3.88 -53.56 -26.06
CA GLY B 409 2.80 -53.92 -25.15
C GLY B 409 3.19 -54.01 -23.68
N ASN B 410 4.36 -54.59 -23.41
CA ASN B 410 4.81 -54.81 -22.03
C ASN B 410 5.42 -53.58 -21.38
N THR B 411 5.11 -52.38 -21.88
CA THR B 411 5.55 -51.14 -21.26
C THR B 411 4.45 -50.48 -20.44
N GLU B 412 3.32 -51.15 -20.27
CA GLU B 412 2.17 -50.56 -19.60
C GLU B 412 2.38 -50.50 -18.10
N ARG B 413 1.85 -49.44 -17.49
CA ARG B 413 1.89 -49.28 -16.04
C ARG B 413 0.77 -48.35 -15.63
N THR B 414 0.28 -48.54 -14.39
CA THR B 414 -0.80 -47.70 -13.88
C THR B 414 -0.23 -46.39 -13.33
N VAL B 415 -0.82 -45.28 -13.75
CA VAL B 415 -0.46 -43.95 -13.27
C VAL B 415 -1.66 -43.40 -12.52
N TRP B 416 -1.47 -43.10 -11.23
CA TRP B 416 -2.56 -42.66 -10.36
C TRP B 416 -2.57 -41.13 -10.33
N GLN B 417 -3.61 -40.54 -10.94
CA GLN B 417 -3.76 -39.09 -10.97
C GLN B 417 -4.60 -38.63 -9.79
N TYR B 418 -4.05 -37.69 -9.02
CA TYR B 418 -4.75 -37.09 -7.87
C TYR B 418 -5.00 -35.62 -8.19
N HIS B 419 -6.26 -35.27 -8.40
CA HIS B 419 -6.67 -33.94 -8.85
C HIS B 419 -7.37 -33.23 -7.70
N PHE B 420 -6.62 -32.43 -6.95
CA PHE B 420 -7.20 -31.65 -5.87
C PHE B 420 -8.04 -30.53 -6.46
N ARG B 421 -9.32 -30.47 -6.08
CA ARG B 421 -10.27 -29.56 -6.70
C ARG B 421 -10.79 -28.46 -5.79
N THR B 422 -10.68 -28.61 -4.47
CA THR B 422 -11.27 -27.68 -3.52
C THR B 422 -10.29 -26.58 -3.08
N TRP B 423 -9.30 -26.26 -3.89
CA TRP B 423 -8.36 -25.21 -3.51
C TRP B 423 -8.96 -23.84 -3.83
N PRO B 424 -8.88 -22.88 -2.93
CA PRO B 424 -9.54 -21.58 -3.17
C PRO B 424 -8.79 -20.75 -4.21
N ASP B 425 -9.55 -19.99 -4.99
CA ASP B 425 -8.94 -19.11 -5.98
C ASP B 425 -8.20 -17.95 -5.32
N HIS B 426 -8.63 -17.53 -4.13
CA HIS B 426 -8.03 -16.42 -3.42
C HIS B 426 -7.43 -16.93 -2.10
N GLY B 427 -6.11 -16.98 -2.04
CA GLY B 427 -5.44 -17.34 -0.80
C GLY B 427 -5.18 -18.82 -0.62
N VAL B 428 -5.24 -19.28 0.63
CA VAL B 428 -4.95 -20.67 0.98
C VAL B 428 -6.16 -21.22 1.73
N PRO B 429 -6.26 -22.55 1.84
CA PRO B 429 -7.36 -23.13 2.63
C PRO B 429 -7.30 -22.72 4.09
N SER B 430 -8.48 -22.63 4.71
CA SER B 430 -8.56 -22.24 6.12
C SER B 430 -8.05 -23.36 7.02
N ASP B 431 -8.54 -24.58 6.80
CA ASP B 431 -8.14 -25.74 7.58
C ASP B 431 -7.22 -26.63 6.75
N PRO B 432 -6.10 -27.08 7.32
CA PRO B 432 -5.19 -27.98 6.59
C PRO B 432 -5.60 -29.43 6.60
N GLY B 433 -6.74 -29.78 7.20
CA GLY B 433 -7.11 -31.18 7.32
C GLY B 433 -7.32 -31.85 5.98
N GLY B 434 -8.01 -31.17 5.06
CA GLY B 434 -8.27 -31.77 3.76
C GLY B 434 -7.00 -32.02 2.97
N VAL B 435 -6.08 -31.05 2.97
CA VAL B 435 -4.81 -31.22 2.26
C VAL B 435 -3.97 -32.31 2.91
N LEU B 436 -3.97 -32.36 4.26
CA LEU B 436 -3.20 -33.39 4.95
C LEU B 436 -3.73 -34.78 4.64
N ASP B 437 -5.06 -34.95 4.64
CA ASP B 437 -5.64 -36.22 4.25
C ASP B 437 -5.35 -36.53 2.78
N PHE B 438 -5.28 -35.50 1.94
CA PHE B 438 -4.96 -35.70 0.53
C PHE B 438 -3.52 -36.18 0.36
N LEU B 439 -2.58 -35.54 1.05
CA LEU B 439 -1.18 -35.93 0.94
C LEU B 439 -0.91 -37.27 1.62
N GLU B 440 -1.65 -37.60 2.66
CA GLU B 440 -1.47 -38.90 3.31
C GLU B 440 -1.87 -40.04 2.38
N GLU B 441 -2.91 -39.85 1.58
CA GLU B 441 -3.32 -40.88 0.64
C GLU B 441 -2.32 -41.02 -0.50
N VAL B 442 -1.82 -39.89 -1.02
CA VAL B 442 -0.84 -39.93 -2.09
C VAL B 442 0.42 -40.64 -1.64
N HIS B 443 0.84 -40.41 -0.38
CA HIS B 443 2.05 -41.04 0.13
C HIS B 443 1.91 -42.57 0.17
N HIS B 444 0.78 -43.05 0.68
CA HIS B 444 0.62 -44.50 0.81
C HIS B 444 0.39 -45.17 -0.53
N LYS B 445 -0.17 -44.44 -1.51
CA LYS B 445 -0.26 -44.97 -2.85
C LYS B 445 1.13 -45.10 -3.48
N GLN B 446 2.02 -44.15 -3.18
CA GLN B 446 3.38 -44.22 -3.68
C GLN B 446 4.17 -45.35 -3.02
N GLU B 447 4.03 -45.52 -1.71
CA GLU B 447 4.82 -46.52 -1.00
C GLU B 447 4.39 -47.94 -1.33
N SER B 448 3.19 -48.13 -1.88
CA SER B 448 2.74 -49.46 -2.25
C SER B 448 3.27 -49.91 -3.61
N ILE B 449 3.86 -49.01 -4.39
CA ILE B 449 4.38 -49.33 -5.71
C ILE B 449 5.89 -49.48 -5.61
N MET B 450 6.39 -50.66 -5.98
CA MET B 450 7.82 -50.90 -5.96
C MET B 450 8.50 -50.22 -7.14
N ASP B 451 9.74 -49.79 -6.91
CA ASP B 451 10.59 -49.12 -7.91
C ASP B 451 9.83 -48.03 -8.67
N ALA B 452 8.96 -47.32 -7.96
CA ALA B 452 8.20 -46.23 -8.56
C ALA B 452 9.05 -44.97 -8.65
N GLY B 453 8.93 -44.26 -9.76
CA GLY B 453 9.70 -43.07 -10.00
C GLY B 453 9.22 -41.89 -9.18
N PRO B 454 9.67 -40.69 -9.54
CA PRO B 454 9.29 -39.49 -8.78
C PRO B 454 7.80 -39.21 -8.90
N VAL B 455 7.32 -38.36 -8.00
CA VAL B 455 5.92 -37.94 -7.98
C VAL B 455 5.79 -36.64 -8.76
N VAL B 456 4.95 -36.65 -9.79
CA VAL B 456 4.75 -35.47 -10.63
C VAL B 456 3.72 -34.56 -9.95
N VAL B 457 4.11 -33.33 -9.66
CA VAL B 457 3.25 -32.34 -9.03
C VAL B 457 3.21 -31.11 -9.92
N HIS B 458 2.00 -30.60 -10.17
CA HIS B 458 1.85 -29.45 -11.05
C HIS B 458 0.60 -28.66 -10.67
N CYS B 459 0.59 -27.39 -11.04
CA CYS B 459 -0.58 -26.55 -10.91
C CYS B 459 -0.76 -25.71 -12.17
N SER B 460 -0.54 -24.40 -12.08
CA SER B 460 -0.59 -23.55 -13.27
C SER B 460 0.82 -23.31 -13.79
N ALA B 461 1.57 -22.44 -13.12
CA ALA B 461 2.97 -22.22 -13.44
C ALA B 461 3.89 -23.23 -12.77
N GLY B 462 3.42 -23.91 -11.73
CA GLY B 462 4.18 -24.97 -11.12
C GLY B 462 5.19 -24.55 -10.08
N ILE B 463 4.96 -23.45 -9.37
CA ILE B 463 5.91 -22.97 -8.38
C ILE B 463 5.19 -22.56 -7.11
N GLY B 464 3.99 -22.00 -7.24
CA GLY B 464 3.23 -21.52 -6.11
C GLY B 464 2.58 -22.62 -5.29
N ARG B 465 1.43 -23.12 -5.77
CA ARG B 465 0.77 -24.22 -5.08
C ARG B 465 1.61 -25.49 -5.14
N THR B 466 2.40 -25.66 -6.20
CA THR B 466 3.23 -26.85 -6.33
C THR B 466 4.30 -26.91 -5.26
N GLY B 467 4.98 -25.79 -5.01
CA GLY B 467 6.00 -25.77 -3.96
C GLY B 467 5.42 -25.95 -2.58
N THR B 468 4.20 -25.47 -2.35
CA THR B 468 3.58 -25.62 -1.03
C THR B 468 3.30 -27.08 -0.71
N PHE B 469 2.71 -27.81 -1.66
CA PHE B 469 2.42 -29.22 -1.44
C PHE B 469 3.69 -30.03 -1.23
N ILE B 470 4.71 -29.79 -2.07
CA ILE B 470 5.92 -30.60 -2.00
C ILE B 470 6.66 -30.36 -0.69
N VAL B 471 6.73 -29.11 -0.24
CA VAL B 471 7.41 -28.81 1.03
C VAL B 471 6.69 -29.46 2.20
N ILE B 472 5.36 -29.35 2.24
CA ILE B 472 4.58 -29.98 3.30
C ILE B 472 4.80 -31.49 3.28
N ASP B 473 4.83 -32.09 2.09
CA ASP B 473 5.04 -33.52 1.98
C ASP B 473 6.42 -33.92 2.52
N ILE B 474 7.41 -33.06 2.32
CA ILE B 474 8.76 -33.37 2.79
C ILE B 474 8.83 -33.32 4.31
N LEU B 475 8.23 -32.29 4.91
CA LEU B 475 8.30 -32.14 6.36
C LEU B 475 7.57 -33.27 7.08
N ILE B 476 6.46 -33.76 6.51
CA ILE B 476 5.70 -34.83 7.15
C ILE B 476 6.46 -36.14 7.07
N ASP B 477 7.15 -36.39 5.94
CA ASP B 477 7.92 -37.62 5.79
C ASP B 477 8.96 -37.78 6.90
N ILE B 478 9.50 -36.66 7.40
CA ILE B 478 10.40 -36.71 8.54
C ILE B 478 9.65 -37.14 9.79
N ILE B 479 8.45 -36.59 10.01
CA ILE B 479 7.71 -36.87 11.22
C ILE B 479 7.14 -38.29 11.19
N ARG B 480 6.72 -38.76 10.02
CA ARG B 480 6.11 -40.08 9.94
C ARG B 480 7.11 -41.19 10.23
N GLU B 481 8.37 -40.99 9.88
CA GLU B 481 9.42 -41.99 10.07
C GLU B 481 10.20 -41.78 11.37
N LYS B 482 10.68 -40.58 11.63
CA LYS B 482 11.48 -40.29 12.80
C LYS B 482 10.64 -39.77 13.97
N GLY B 483 9.34 -40.02 13.97
CA GLY B 483 8.48 -39.68 15.08
C GLY B 483 8.48 -38.19 15.39
N VAL B 484 8.23 -37.88 16.67
CA VAL B 484 8.18 -36.49 17.13
C VAL B 484 9.52 -36.00 17.68
N ASP B 485 10.49 -36.90 17.88
CA ASP B 485 11.79 -36.54 18.42
C ASP B 485 12.72 -35.91 17.39
N CYS B 486 12.22 -35.57 16.21
CA CYS B 486 13.05 -35.04 15.14
C CYS B 486 12.99 -33.52 15.10
N ASP B 487 13.98 -32.94 14.43
CA ASP B 487 14.05 -31.49 14.23
C ASP B 487 13.52 -31.15 12.83
N ILE B 488 12.75 -30.08 12.76
CA ILE B 488 12.24 -29.57 11.48
C ILE B 488 12.67 -28.11 11.35
N ASP B 489 12.99 -27.71 10.12
CA ASP B 489 13.47 -26.35 9.82
C ASP B 489 12.73 -25.88 8.58
N VAL B 490 11.62 -25.18 8.79
CA VAL B 490 10.74 -24.80 7.68
C VAL B 490 11.45 -23.91 6.67
N PRO B 491 12.07 -22.79 7.05
CA PRO B 491 12.68 -21.93 6.01
C PRO B 491 13.89 -22.55 5.34
N LYS B 492 14.63 -23.42 6.05
CA LYS B 492 15.76 -24.09 5.42
C LYS B 492 15.29 -25.06 4.34
N THR B 493 14.16 -25.74 4.57
CA THR B 493 13.65 -26.69 3.59
C THR B 493 13.13 -25.97 2.35
N ILE B 494 12.52 -24.79 2.53
CA ILE B 494 12.02 -24.03 1.38
C ILE B 494 13.17 -23.51 0.54
N GLN B 495 14.22 -23.00 1.18
CA GLN B 495 15.40 -22.56 0.45
C GLN B 495 16.07 -23.72 -0.28
N MET B 496 16.04 -24.92 0.32
CA MET B 496 16.62 -26.09 -0.33
C MET B 496 15.85 -26.46 -1.59
N VAL B 497 14.54 -26.25 -1.61
CA VAL B 497 13.76 -26.55 -2.81
C VAL B 497 13.80 -25.41 -3.80
N ARG B 498 13.87 -24.16 -3.33
CA ARG B 498 13.94 -23.01 -4.23
C ARG B 498 15.22 -23.01 -5.05
N SER B 499 16.25 -23.72 -4.62
CA SER B 499 17.46 -23.86 -5.42
C SER B 499 17.30 -24.87 -6.55
N GLN B 500 16.21 -25.61 -6.58
CA GLN B 500 15.96 -26.60 -7.62
C GLN B 500 14.86 -26.21 -8.58
N ARG B 501 14.00 -25.26 -8.22
CA ARG B 501 13.05 -24.66 -9.15
C ARG B 501 12.75 -23.24 -8.68
N SER B 502 12.63 -22.32 -9.64
CA SER B 502 12.57 -20.90 -9.35
C SER B 502 11.22 -20.53 -8.73
N GLY B 503 11.25 -20.09 -7.47
CA GLY B 503 10.07 -19.53 -6.86
C GLY B 503 9.14 -20.50 -6.16
N MET B 504 9.65 -21.62 -5.65
CA MET B 504 8.81 -22.52 -4.87
C MET B 504 8.34 -21.81 -3.60
N VAL B 505 7.05 -21.94 -3.31
CA VAL B 505 6.36 -21.16 -2.29
C VAL B 505 6.38 -19.69 -2.68
N GLN B 506 5.21 -19.14 -2.99
CA GLN B 506 5.08 -17.79 -3.54
C GLN B 506 4.70 -16.73 -2.51
N THR B 507 3.74 -17.02 -1.64
CA THR B 507 3.19 -16.02 -0.75
C THR B 507 3.42 -16.38 0.71
N GLU B 508 3.28 -15.37 1.58
CA GLU B 508 3.36 -15.61 3.01
C GLU B 508 2.17 -16.41 3.51
N ALA B 509 1.00 -16.23 2.89
CA ALA B 509 -0.17 -17.02 3.25
C ALA B 509 0.12 -18.51 3.09
N GLN B 510 0.82 -18.88 2.03
CA GLN B 510 1.26 -20.27 1.87
C GLN B 510 2.31 -20.64 2.92
N TYR B 511 3.21 -19.70 3.23
CA TYR B 511 4.24 -19.95 4.23
C TYR B 511 3.62 -20.24 5.60
N ARG B 512 2.67 -19.42 6.02
CA ARG B 512 1.97 -19.66 7.28
C ARG B 512 1.12 -20.93 7.19
N PHE B 513 0.54 -21.21 6.02
CA PHE B 513 -0.25 -22.42 5.86
C PHE B 513 0.60 -23.68 6.00
N ILE B 514 1.87 -23.61 5.59
CA ILE B 514 2.75 -24.76 5.75
C ILE B 514 2.99 -25.03 7.24
N TYR B 515 3.19 -23.98 8.02
CA TYR B 515 3.34 -24.15 9.47
C TYR B 515 2.08 -24.72 10.09
N MET B 516 0.91 -24.25 9.66
CA MET B 516 -0.34 -24.76 10.21
C MET B 516 -0.53 -26.23 9.87
N ALA B 517 -0.14 -26.64 8.65
CA ALA B 517 -0.28 -28.03 8.26
C ALA B 517 0.63 -28.93 9.11
N VAL B 518 1.86 -28.48 9.37
CA VAL B 518 2.78 -29.27 10.19
C VAL B 518 2.25 -29.38 11.62
N GLN B 519 1.79 -28.26 12.18
CA GLN B 519 1.25 -28.29 13.53
C GLN B 519 0.01 -29.17 13.62
N HIS B 520 -0.83 -29.14 12.58
CA HIS B 520 -2.04 -29.97 12.59
C HIS B 520 -1.70 -31.45 12.53
N TYR B 521 -0.66 -31.81 11.78
CA TYR B 521 -0.27 -33.21 11.67
C TYR B 521 0.28 -33.74 12.99
N ILE B 522 0.86 -32.86 13.82
CA ILE B 522 1.39 -33.29 15.10
C ILE B 522 0.26 -33.54 16.09
N GLU B 523 -0.68 -32.60 16.18
CA GLU B 523 -1.74 -32.70 17.19
C GLU B 523 -2.67 -33.88 16.95
N THR B 524 -2.77 -34.36 15.71
CA THR B 524 -3.64 -35.49 15.36
C THR B 524 -2.84 -36.78 15.26
N LEU B 525 -1.94 -37.03 16.19
CA LEU B 525 -1.07 -38.20 16.14
C LEU B 525 -1.08 -38.95 17.47
C10 KID C . -4.05 26.54 17.03
C11 KID C . -4.92 27.59 16.35
C12 KID C . -6.33 27.61 16.94
C13 KID C . -6.95 26.22 17.18
C14 KID C . -5.97 25.18 17.72
C15 KID C . -7.21 28.36 15.97
C16 KID C . -6.30 28.40 18.25
C18 KID C . -4.71 22.27 12.11
C19 KID C . -5.90 22.81 11.64
C2 KID C . -4.67 24.51 15.72
C20 KID C . -6.36 23.72 12.58
C21 KID C . -3.82 21.28 11.45
C22 KID C . -3.51 20.06 12.03
C23 KID C . -2.66 19.17 11.38
C24 KID C . -2.08 19.45 10.15
C25 KID C . -2.32 20.65 9.49
C26 KID C . -3.22 21.63 10.15
C4 KID C . -3.40 22.85 14.43
C5 KID C . -4.47 22.93 13.40
C8 KID C . -2.48 23.58 16.60
N1 KID C . -5.60 24.55 14.75
N17 KID C . -5.97 29.80 17.96
N3 KID C . -3.53 23.67 15.58
N6 KID C . -5.48 23.76 13.60
N9 KID C . -4.86 25.36 16.82
O7 KID C . -2.42 22.10 14.29
CL7 KID C . -3.59 23.21 9.37
CL8 KID C . -1.58 21.01 7.91
C10 KID D . 16.63 -14.11 12.57
C11 KID D . 15.76 -13.07 11.90
C12 KID D . 14.34 -13.04 12.48
C13 KID D . 13.73 -14.43 12.71
C14 KID D . 14.70 -15.48 13.26
C15 KID D . 13.46 -12.29 11.50
C16 KID D . 14.38 -12.26 13.79
C18 KID D . 15.97 -18.37 7.64
C19 KID D . 14.79 -17.83 7.17
C2 KID D . 16.02 -16.14 11.25
C20 KID D . 14.33 -16.93 8.11
C21 KID D . 16.87 -19.36 6.97
C22 KID D . 17.18 -20.58 7.56
C23 KID D . 18.04 -21.47 6.91
C24 KID D . 18.62 -21.19 5.67
C25 KID D . 18.37 -19.99 5.02
C26 KID D . 17.47 -19.00 5.68
C4 KID D . 17.28 -17.79 9.97
C5 KID D . 16.22 -17.71 8.94
C8 KID D . 18.20 -17.08 12.14
N1 KID D . 15.08 -16.10 10.27
N17 KID D . 14.71 -10.86 13.49
N3 KID D . 17.15 -16.99 11.11
N6 KID D . 15.19 -16.88 9.13
N9 KID D . 15.82 -15.29 12.36
O7 KID D . 18.27 -18.55 9.82
CL7 KID D . 17.11 -17.43 4.90
CL8 KID D . 19.12 -19.62 3.44
#